data_1CXK
#
_entry.id   1CXK
#
_cell.length_a   117.124
_cell.length_b   110.905
_cell.length_c   67.593
_cell.angle_alpha   90.00
_cell.angle_beta   90.00
_cell.angle_gamma   90.00
#
_symmetry.space_group_name_H-M   'P 21 21 21'
#
loop_
_entity.id
_entity.type
_entity.pdbx_description
1 polymer 'PROTEIN (CYCLODEXTRIN-GLYCOSYLTRANSFERASE)'
2 branched alpha-D-glucopyranose-(1-4)-alpha-D-glucopyranose
3 branched alpha-D-glucopyranose-(1-4)-alpha-D-glucopyranose-(1-4)-alpha-D-glucopyranose-(1-4)-alpha-D-glucopyranose-(1-4)-alpha-D-glucopyranose-(1-4)-alpha-D-glucopyranose-(1-4)-alpha-D-glucopyranose-(1-4)-alpha-D-glucopyranose-(1-4)-alpha-D-glucopyranose
4 branched alpha-D-glucopyranose-(1-4)-alpha-D-glucopyranose-(1-4)-alpha-D-glucopyranose-(1-4)-alpha-D-glucopyranose
5 non-polymer 'CALCIUM ION'
6 water water
#
_entity_poly.entity_id   1
_entity_poly.type   'polypeptide(L)'
_entity_poly.pdbx_seq_one_letter_code
;APDTSVSNKQNFSTDVIYQIFTDRFSDGNPANNPTGAAFDGTCTNLRLYCGGDWQGIINKINDGYLTGMGVTAIWISQPV
ENIYSIINYSGVNNTAYHGYWARDFKKTNPAYGTIADFQNLIAAAHAKNIKVIIDFAPNHTSPASSDQPSFAENGRLYDN
GTLLGGYTNDTQNLFHHNGGTDFSTTENGIYKNLYDLADLNHNNSTVDVYLKDAIKMWLDLGIDGIRMNAVKHMPFGWQK
SFMAAVNNYKPVFTFGQWFLGVNEVSPENHKFANESGMSLLDFRFAQKVRQVFRDNTDNMYGLKAMLEGSAADYAQVDDQ
VTFIDNHDMERFHASNANRRKLEQALAFTLTSRGVPAIYYGTEQYMSGGTDPDNRARIPSFSTSTTAYQVIQKLAPLRKC
NPAIAYGSTQERWINNDVLIYERKFGSNVAVVAVNRNLNAPASISGLVTSLPQGSYNDVLGGLLNGNTLSVGSGGAASNF
TLAAGGTAVWQYTAATATPTIGHVGPMMAKPGVTITIDGRGFGSSKGTVYFGTTAVSGADITSWEDTQIKVKIPAVAGGN
YNIKVANAAGTASNVYDNFEVLSGDQVSVRFVVNNATTALGQNVYLTGSVSELGNWDPAKAIGPMYNQVVYQYPNWYYDV
SVPAGKTIEFKFLKKQGSTVTWEGGSNHTFTAPSSGTATINVNWQP
;
_entity_poly.pdbx_strand_id   A
#
loop_
_chem_comp.id
_chem_comp.type
_chem_comp.name
_chem_comp.formula
CA non-polymer 'CALCIUM ION' 'Ca 2'
GLC D-saccharide, alpha linking alpha-D-glucopyranose 'C6 H12 O6'
#
# COMPACT_ATOMS: atom_id res chain seq x y z
N ALA A 1 -11.84 20.67 7.31
CA ALA A 1 -10.74 20.73 6.35
C ALA A 1 -11.14 20.05 5.07
N PRO A 2 -10.45 20.41 3.99
CA PRO A 2 -10.73 19.84 2.69
C PRO A 2 -10.05 18.49 2.53
N ASP A 3 -10.38 17.82 1.43
CA ASP A 3 -9.83 16.50 1.14
C ASP A 3 -8.31 16.49 1.06
N THR A 4 -7.74 17.63 0.68
CA THR A 4 -6.29 17.78 0.53
C THR A 4 -5.53 18.10 1.80
N SER A 5 -6.23 18.31 2.91
CA SER A 5 -5.60 18.64 4.17
C SER A 5 -4.62 17.59 4.68
N VAL A 6 -3.54 18.03 5.33
CA VAL A 6 -2.55 17.10 5.88
C VAL A 6 -3.18 16.21 6.94
N SER A 7 -4.31 16.67 7.48
CA SER A 7 -5.02 15.96 8.51
C SER A 7 -5.81 14.76 8.01
N ASN A 8 -5.98 14.66 6.70
CA ASN A 8 -6.74 13.56 6.13
C ASN A 8 -5.97 12.25 6.11
N LYS A 9 -6.04 11.48 7.19
CA LYS A 9 -5.30 10.21 7.26
C LYS A 9 -5.92 9.08 6.46
N GLN A 10 -7.06 9.29 5.83
CA GLN A 10 -7.68 8.19 5.10
C GLN A 10 -7.46 8.18 3.60
N ASN A 11 -6.90 9.27 3.07
CA ASN A 11 -6.70 9.38 1.64
C ASN A 11 -5.35 9.99 1.28
N PHE A 12 -4.60 9.27 0.46
CA PHE A 12 -3.28 9.71 0.03
C PHE A 12 -3.21 9.95 -1.48
N SER A 13 -4.37 9.88 -2.13
CA SER A 13 -4.44 10.05 -3.57
C SER A 13 -4.03 11.42 -4.08
N THR A 14 -4.18 12.44 -3.24
CA THR A 14 -3.79 13.79 -3.62
C THR A 14 -2.35 14.06 -3.22
N ASP A 15 -1.70 13.07 -2.63
CA ASP A 15 -0.33 13.25 -2.17
C ASP A 15 0.75 12.62 -3.05
N VAL A 16 1.99 12.89 -2.68
CA VAL A 16 3.16 12.33 -3.32
C VAL A 16 4.07 11.85 -2.19
N ILE A 17 4.25 10.53 -2.12
CA ILE A 17 5.08 9.93 -1.10
C ILE A 17 6.55 9.94 -1.46
N TYR A 18 7.40 10.22 -0.47
CA TYR A 18 8.84 10.20 -0.64
C TYR A 18 9.37 9.08 0.27
N GLN A 19 9.88 7.99 -0.34
CA GLN A 19 10.37 6.84 0.42
C GLN A 19 11.78 7.04 0.96
N ILE A 20 11.88 7.10 2.29
CA ILE A 20 13.16 7.33 2.93
C ILE A 20 13.78 6.15 3.65
N PHE A 21 15.01 5.83 3.27
CA PHE A 21 15.78 4.81 3.96
C PHE A 21 16.51 5.62 5.02
N THR A 22 15.86 5.78 6.18
CA THR A 22 16.35 6.58 7.28
C THR A 22 17.85 6.67 7.47
N ASP A 23 18.51 5.52 7.53
CA ASP A 23 19.94 5.48 7.74
C ASP A 23 20.77 6.14 6.65
N ARG A 24 20.23 6.19 5.43
CA ARG A 24 20.96 6.74 4.30
C ARG A 24 20.54 8.11 3.84
N PHE A 25 19.70 8.78 4.61
CA PHE A 25 19.22 10.08 4.21
C PHE A 25 20.02 11.22 4.84
N SER A 26 19.92 11.38 6.16
CA SER A 26 20.66 12.45 6.80
C SER A 26 20.90 12.25 8.28
N ASP A 27 22.17 12.22 8.66
CA ASP A 27 22.54 12.05 10.05
C ASP A 27 22.48 13.40 10.75
N GLY A 28 21.32 13.69 11.36
CA GLY A 28 21.13 14.96 12.05
C GLY A 28 21.57 14.93 13.52
N ASN A 29 21.89 13.74 14.02
CA ASN A 29 22.31 13.57 15.40
C ASN A 29 23.38 12.48 15.53
N PRO A 30 24.62 12.90 15.32
CA PRO A 30 25.76 12.00 15.39
C PRO A 30 25.89 11.30 16.73
N ALA A 31 25.33 11.92 17.76
CA ALA A 31 25.39 11.38 19.11
C ALA A 31 24.67 10.04 19.25
N ASN A 32 23.71 9.80 18.37
CA ASN A 32 22.99 8.54 18.44
C ASN A 32 23.55 7.48 17.51
N ASN A 33 24.61 7.82 16.79
CA ASN A 33 25.20 6.87 15.87
C ASN A 33 25.70 5.63 16.58
N PRO A 34 25.54 4.47 15.94
CA PRO A 34 26.04 3.25 16.50
C PRO A 34 27.57 3.32 16.44
N THR A 35 28.24 2.53 17.26
CA THR A 35 29.68 2.58 17.27
C THR A 35 30.38 1.31 16.83
N GLY A 36 31.70 1.42 16.69
CA GLY A 36 32.57 0.32 16.33
C GLY A 36 32.32 -0.33 14.99
N ALA A 37 32.39 -1.66 15.00
CA ALA A 37 32.22 -2.48 13.82
C ALA A 37 30.84 -2.39 13.21
N ALA A 38 29.90 -1.75 13.89
CA ALA A 38 28.57 -1.65 13.31
C ALA A 38 28.40 -0.35 12.55
N PHE A 39 29.45 0.47 12.52
CA PHE A 39 29.31 1.76 11.86
C PHE A 39 30.40 2.16 10.89
N ASP A 40 29.96 2.86 9.84
CA ASP A 40 30.82 3.40 8.80
C ASP A 40 30.34 4.78 8.40
N GLY A 41 30.91 5.80 9.04
CA GLY A 41 30.54 7.18 8.77
C GLY A 41 30.65 7.57 7.32
N THR A 42 31.60 6.96 6.62
CA THR A 42 31.80 7.25 5.21
C THR A 42 30.72 6.61 4.35
N CYS A 43 30.00 5.65 4.94
CA CYS A 43 28.97 4.95 4.21
C CYS A 43 29.53 4.23 3.00
N THR A 44 30.73 3.68 3.19
CA THR A 44 31.37 2.93 2.12
C THR A 44 30.90 1.48 2.20
N ASN A 45 30.75 0.99 3.43
CA ASN A 45 30.25 -0.35 3.65
C ASN A 45 28.74 -0.24 3.77
N LEU A 46 28.05 -0.53 2.67
CA LEU A 46 26.61 -0.42 2.59
C LEU A 46 25.79 -1.36 3.47
N ARG A 47 26.47 -2.18 4.28
CA ARG A 47 25.78 -3.10 5.14
C ARG A 47 25.81 -2.70 6.62
N LEU A 48 26.51 -1.60 6.90
CA LEU A 48 26.62 -1.09 8.25
C LEU A 48 25.81 0.18 8.38
N TYR A 49 25.68 0.69 9.61
CA TYR A 49 24.94 1.92 9.82
C TYR A 49 25.75 3.10 9.34
N CYS A 50 25.12 4.03 8.64
CA CYS A 50 25.82 5.21 8.15
C CYS A 50 25.54 6.41 9.02
N GLY A 51 24.47 6.34 9.82
CA GLY A 51 24.13 7.42 10.76
C GLY A 51 22.84 8.20 10.50
N GLY A 52 22.17 7.98 9.36
CA GLY A 52 20.93 8.69 9.07
C GLY A 52 19.91 8.54 10.19
N ASP A 53 19.22 9.63 10.55
CA ASP A 53 18.25 9.55 11.63
C ASP A 53 17.04 10.47 11.48
N TRP A 54 16.15 10.41 12.47
CA TRP A 54 14.94 11.21 12.48
C TRP A 54 15.24 12.70 12.55
N GLN A 55 16.25 13.08 13.33
CA GLN A 55 16.60 14.49 13.41
C GLN A 55 16.99 14.99 12.04
N GLY A 56 17.66 14.12 11.29
CA GLY A 56 18.09 14.46 9.95
C GLY A 56 16.88 14.75 9.08
N ILE A 57 15.87 13.90 9.19
CA ILE A 57 14.65 14.09 8.42
C ILE A 57 13.99 15.41 8.77
N ILE A 58 13.97 15.71 10.06
CA ILE A 58 13.40 16.95 10.54
C ILE A 58 14.10 18.14 9.89
N ASN A 59 15.42 18.08 9.85
CA ASN A 59 16.22 19.13 9.24
C ASN A 59 15.87 19.29 7.77
N LYS A 60 15.73 18.16 7.08
CA LYS A 60 15.42 18.17 5.67
C LYS A 60 14.01 18.69 5.40
N ILE A 61 13.13 18.50 6.38
CA ILE A 61 11.77 18.99 6.28
C ILE A 61 11.77 20.50 6.49
N ASN A 62 12.58 20.91 7.44
CA ASN A 62 12.70 22.30 7.80
C ASN A 62 13.50 23.17 6.82
N ASP A 63 14.46 22.59 6.13
CA ASP A 63 15.26 23.38 5.21
C ASP A 63 14.73 23.52 3.79
N GLY A 64 13.54 22.96 3.52
CA GLY A 64 12.91 23.08 2.21
C GLY A 64 13.22 22.02 1.15
N TYR A 65 14.12 21.09 1.43
CA TYR A 65 14.44 20.07 0.44
C TYR A 65 13.24 19.32 -0.12
N LEU A 66 12.39 18.80 0.77
CA LEU A 66 11.22 18.05 0.38
C LEU A 66 10.07 18.93 -0.06
N THR A 67 9.83 19.99 0.71
CA THR A 67 8.76 20.92 0.39
C THR A 67 8.97 21.58 -0.97
N GLY A 68 10.22 21.91 -1.27
CA GLY A 68 10.54 22.55 -2.52
C GLY A 68 10.25 21.65 -3.70
N MET A 69 10.22 20.35 -3.42
CA MET A 69 9.98 19.36 -4.45
C MET A 69 8.50 19.06 -4.61
N GLY A 70 7.69 19.45 -3.62
CA GLY A 70 6.28 19.18 -3.69
C GLY A 70 5.91 17.88 -2.99
N VAL A 71 6.85 17.35 -2.22
CA VAL A 71 6.59 16.11 -1.48
C VAL A 71 5.63 16.43 -0.35
N THR A 72 4.57 15.63 -0.20
CA THR A 72 3.58 15.87 0.84
C THR A 72 3.40 14.69 1.78
N ALA A 73 4.27 13.68 1.64
CA ALA A 73 4.21 12.51 2.47
C ALA A 73 5.53 11.78 2.45
N ILE A 74 5.88 11.17 3.58
CA ILE A 74 7.11 10.42 3.68
C ILE A 74 6.82 9.03 4.23
N TRP A 75 7.59 8.06 3.74
CA TRP A 75 7.49 6.67 4.16
C TRP A 75 8.88 6.36 4.71
N ILE A 76 8.94 6.12 6.01
CA ILE A 76 10.22 5.86 6.66
C ILE A 76 10.45 4.42 7.12
N SER A 77 11.73 4.09 7.29
CA SER A 77 12.12 2.76 7.76
C SER A 77 11.37 2.43 9.03
N GLN A 78 11.09 1.14 9.25
CA GLN A 78 10.39 0.68 10.45
C GLN A 78 11.04 1.30 11.68
N PRO A 79 10.24 1.94 12.53
CA PRO A 79 10.76 2.65 13.70
C PRO A 79 11.05 1.83 14.95
N VAL A 80 10.50 0.63 15.03
CA VAL A 80 10.70 -0.18 16.22
C VAL A 80 12.12 -0.62 16.47
N GLU A 81 12.38 -1.01 17.71
CA GLU A 81 13.68 -1.46 18.14
C GLU A 81 14.11 -2.74 17.42
N ASN A 82 15.33 -2.71 16.87
CA ASN A 82 15.91 -3.82 16.15
C ASN A 82 17.07 -4.41 16.94
N ILE A 83 17.50 -5.63 16.57
CA ILE A 83 18.63 -6.26 17.25
C ILE A 83 19.89 -5.41 17.07
N TYR A 84 20.87 -5.62 17.96
CA TYR A 84 22.11 -4.87 17.93
C TYR A 84 23.28 -5.66 17.36
N SER A 85 23.00 -6.91 17.01
CA SER A 85 23.98 -7.82 16.47
C SER A 85 24.63 -7.36 15.17
N ILE A 86 25.90 -7.71 15.06
CA ILE A 86 26.69 -7.48 13.87
C ILE A 86 26.92 -8.88 13.34
N ILE A 87 26.20 -9.24 12.28
CA ILE A 87 26.27 -10.58 11.74
C ILE A 87 27.20 -10.73 10.55
N ASN A 88 27.98 -11.82 10.58
CA ASN A 88 28.90 -12.09 9.50
C ASN A 88 28.30 -13.01 8.44
N TYR A 89 28.02 -12.44 7.27
CA TYR A 89 27.46 -13.20 6.15
C TYR A 89 28.42 -13.22 4.98
N SER A 90 28.86 -14.41 4.60
CA SER A 90 29.79 -14.57 3.49
C SER A 90 31.04 -13.75 3.68
N GLY A 91 31.51 -13.69 4.92
CA GLY A 91 32.70 -12.94 5.27
C GLY A 91 32.46 -11.44 5.34
N VAL A 92 31.19 -11.05 5.32
CA VAL A 92 30.86 -9.63 5.39
C VAL A 92 29.95 -9.29 6.56
N ASN A 93 30.30 -8.23 7.27
CA ASN A 93 29.53 -7.77 8.40
C ASN A 93 28.26 -7.06 7.98
N ASN A 94 27.17 -7.43 8.65
CA ASN A 94 25.83 -6.91 8.40
C ASN A 94 25.16 -6.40 9.67
N THR A 95 24.38 -5.29 9.53
CA THR A 95 23.65 -4.70 10.65
C THR A 95 22.19 -4.52 10.29
N ALA A 96 21.39 -4.14 11.29
CA ALA A 96 19.96 -3.91 11.11
C ALA A 96 19.66 -2.50 10.60
N TYR A 97 20.63 -1.85 9.95
CA TYR A 97 20.47 -0.48 9.43
C TYR A 97 19.14 -0.23 8.67
N HIS A 98 18.59 -1.30 8.06
CA HIS A 98 17.36 -1.26 7.26
C HIS A 98 16.05 -1.21 8.05
N GLY A 99 16.15 -1.52 9.34
CA GLY A 99 15.03 -1.50 10.29
C GLY A 99 14.09 -2.71 10.25
N TYR A 100 14.41 -3.73 9.45
CA TYR A 100 13.57 -4.93 9.31
C TYR A 100 13.78 -6.05 10.32
N TRP A 101 14.83 -5.98 11.16
CA TRP A 101 15.09 -7.01 12.15
C TRP A 101 14.64 -6.62 13.55
N ALA A 102 13.33 -6.57 13.76
CA ALA A 102 12.72 -6.17 15.02
C ALA A 102 12.96 -7.06 16.23
N ARG A 103 13.04 -6.42 17.39
CA ARG A 103 13.20 -7.10 18.67
C ARG A 103 12.11 -6.68 19.66
N ASP A 104 11.63 -5.44 19.51
CA ASP A 104 10.59 -4.91 20.39
C ASP A 104 9.74 -3.88 19.66
N PHE A 105 8.48 -4.24 19.38
CA PHE A 105 7.56 -3.38 18.67
C PHE A 105 7.00 -2.22 19.49
N LYS A 106 7.37 -2.13 20.77
CA LYS A 106 6.86 -1.04 21.61
C LYS A 106 7.91 -0.01 21.97
N LYS A 107 9.10 -0.16 21.36
CA LYS A 107 10.21 0.75 21.57
C LYS A 107 10.72 1.22 20.22
N THR A 108 11.58 2.24 20.25
CA THR A 108 12.17 2.77 19.03
C THR A 108 13.57 2.25 18.83
N ASN A 109 14.07 2.41 17.61
CA ASN A 109 15.43 2.05 17.26
C ASN A 109 16.27 3.26 17.65
N PRO A 110 17.02 3.16 18.75
CA PRO A 110 17.82 4.27 19.23
C PRO A 110 18.67 4.96 18.18
N ALA A 111 19.08 4.22 17.16
CA ALA A 111 19.90 4.82 16.10
C ALA A 111 19.11 5.90 15.37
N TYR A 112 17.80 5.65 15.22
CA TYR A 112 16.90 6.59 14.56
C TYR A 112 16.51 7.70 15.53
N GLY A 113 16.32 7.33 16.79
CA GLY A 113 15.96 8.32 17.80
C GLY A 113 15.10 7.76 18.90
N THR A 114 14.69 8.64 19.82
CA THR A 114 13.85 8.27 20.94
C THR A 114 12.40 8.51 20.59
N ILE A 115 11.52 8.20 21.54
CA ILE A 115 10.10 8.43 21.31
C ILE A 115 9.87 9.93 21.16
N ALA A 116 10.60 10.70 21.97
CA ALA A 116 10.49 12.14 21.91
C ALA A 116 10.91 12.64 20.55
N ASP A 117 11.95 12.01 19.99
CA ASP A 117 12.44 12.36 18.67
C ASP A 117 11.37 12.07 17.63
N PHE A 118 10.67 10.95 17.85
CA PHE A 118 9.60 10.54 16.97
C PHE A 118 8.45 11.54 17.00
N GLN A 119 8.09 11.99 18.20
CA GLN A 119 7.01 12.94 18.37
C GLN A 119 7.31 14.25 17.66
N ASN A 120 8.57 14.64 17.74
CA ASN A 120 9.04 15.86 17.12
C ASN A 120 9.00 15.75 15.61
N LEU A 121 9.35 14.56 15.11
CA LEU A 121 9.33 14.29 13.69
C LEU A 121 7.91 14.47 13.19
N ILE A 122 6.97 13.86 13.92
CA ILE A 122 5.57 13.95 13.56
C ILE A 122 5.11 15.41 13.53
N ALA A 123 5.49 16.16 14.56
CA ALA A 123 5.11 17.55 14.64
C ALA A 123 5.72 18.39 13.52
N ALA A 124 7.01 18.18 13.25
CA ALA A 124 7.67 18.93 12.21
C ALA A 124 7.03 18.71 10.85
N ALA A 125 6.76 17.44 10.56
CA ALA A 125 6.16 17.06 9.30
C ALA A 125 4.80 17.74 9.12
N HIS A 126 3.93 17.51 10.09
CA HIS A 126 2.60 18.08 10.07
C HIS A 126 2.63 19.58 9.88
N ALA A 127 3.56 20.25 10.54
CA ALA A 127 3.65 21.68 10.41
C ALA A 127 3.93 22.10 8.98
N LYS A 128 4.52 21.19 8.21
CA LYS A 128 4.83 21.48 6.82
C LYS A 128 3.90 20.76 5.85
N ASN A 129 2.75 20.34 6.34
CA ASN A 129 1.76 19.64 5.54
C ASN A 129 2.24 18.31 4.99
N ILE A 130 3.16 17.69 5.72
CA ILE A 130 3.68 16.40 5.33
C ILE A 130 3.17 15.28 6.23
N LYS A 131 2.52 14.30 5.62
CA LYS A 131 1.98 13.14 6.32
C LYS A 131 3.12 12.16 6.59
N VAL A 132 3.02 11.36 7.64
CA VAL A 132 4.08 10.40 7.95
C VAL A 132 3.62 8.96 7.93
N ILE A 133 4.31 8.15 7.10
CA ILE A 133 4.02 6.74 6.98
C ILE A 133 5.14 5.91 7.56
N ILE A 134 4.80 4.87 8.31
CA ILE A 134 5.82 4.00 8.87
C ILE A 134 5.78 2.61 8.27
N ASP A 135 6.96 2.03 8.08
CA ASP A 135 7.07 0.67 7.61
C ASP A 135 6.78 -0.16 8.86
N PHE A 136 6.05 -1.26 8.73
CA PHE A 136 5.72 -2.10 9.86
C PHE A 136 5.86 -3.53 9.38
N ALA A 137 6.70 -4.31 10.06
CA ALA A 137 6.96 -5.68 9.66
C ALA A 137 6.67 -6.70 10.75
N PRO A 138 5.39 -6.94 11.00
CA PRO A 138 4.95 -7.87 12.03
C PRO A 138 4.98 -9.33 11.57
N ASN A 139 5.71 -9.59 10.48
CA ASN A 139 5.77 -10.94 9.94
C ASN A 139 6.87 -11.82 10.53
N HIS A 140 7.90 -11.19 11.08
CA HIS A 140 8.99 -11.91 11.71
C HIS A 140 9.75 -11.00 12.64
N THR A 141 10.73 -11.57 13.32
CA THR A 141 11.57 -10.77 14.19
C THR A 141 12.88 -10.53 13.46
N SER A 142 13.88 -11.34 13.80
CA SER A 142 15.20 -11.23 13.20
C SER A 142 15.85 -12.58 12.91
N PRO A 143 17.05 -12.54 12.32
CA PRO A 143 17.76 -13.75 11.97
C PRO A 143 17.99 -14.67 13.16
N ALA A 144 17.71 -15.95 12.96
CA ALA A 144 17.87 -16.90 14.03
C ALA A 144 18.19 -18.30 13.57
N SER A 145 18.62 -19.11 14.55
CA SER A 145 18.95 -20.50 14.36
C SER A 145 18.50 -21.24 15.60
N SER A 146 17.48 -22.08 15.45
CA SER A 146 16.96 -22.81 16.59
C SER A 146 18.01 -23.70 17.23
N ASP A 147 18.87 -24.29 16.41
CA ASP A 147 19.93 -25.17 16.86
C ASP A 147 21.07 -24.42 17.54
N GLN A 148 21.24 -23.15 17.18
CA GLN A 148 22.32 -22.34 17.71
C GLN A 148 21.83 -20.99 18.22
N PRO A 149 21.39 -21.00 19.47
CA PRO A 149 20.85 -19.85 20.17
C PRO A 149 21.81 -18.69 20.31
N SER A 150 23.10 -18.96 20.30
CA SER A 150 24.05 -17.89 20.44
C SER A 150 24.18 -17.05 19.19
N PHE A 151 23.57 -17.53 18.10
CA PHE A 151 23.60 -16.80 16.83
C PHE A 151 22.67 -15.61 16.87
N ALA A 152 23.22 -14.43 16.63
CA ALA A 152 22.47 -13.19 16.65
C ALA A 152 21.73 -13.01 17.97
N GLU A 153 20.48 -12.59 17.90
CA GLU A 153 19.70 -12.43 19.12
C GLU A 153 18.67 -13.54 19.24
N ASN A 154 18.86 -14.59 18.44
CA ASN A 154 17.97 -15.73 18.45
C ASN A 154 16.52 -15.36 18.18
N GLY A 155 16.32 -14.33 17.35
CA GLY A 155 14.98 -13.87 17.01
C GLY A 155 14.14 -13.49 18.21
N ARG A 156 14.79 -13.21 19.34
CA ARG A 156 14.09 -12.85 20.56
C ARG A 156 13.07 -11.73 20.39
N LEU A 157 11.91 -11.91 21.03
CA LEU A 157 10.83 -10.95 21.01
C LEU A 157 10.57 -10.39 22.40
N TYR A 158 10.62 -9.07 22.52
CA TYR A 158 10.37 -8.42 23.80
C TYR A 158 9.11 -7.58 23.77
N ASP A 159 8.56 -7.34 24.96
CA ASP A 159 7.35 -6.55 25.14
C ASP A 159 7.67 -5.39 26.07
N ASN A 160 8.02 -4.26 25.48
CA ASN A 160 8.40 -3.10 26.26
C ASN A 160 9.48 -3.43 27.27
N GLY A 161 10.48 -4.20 26.83
CA GLY A 161 11.57 -4.59 27.70
C GLY A 161 11.38 -5.96 28.32
N THR A 162 10.17 -6.49 28.31
CA THR A 162 9.92 -7.80 28.89
C THR A 162 10.02 -8.94 27.89
N LEU A 163 10.98 -9.84 28.11
CA LEU A 163 11.19 -10.97 27.23
C LEU A 163 10.00 -11.91 27.13
N LEU A 164 9.56 -12.14 25.90
CA LEU A 164 8.44 -13.04 25.65
C LEU A 164 8.94 -14.43 25.26
N GLY A 165 9.97 -14.48 24.41
CA GLY A 165 10.55 -15.75 23.96
C GLY A 165 11.50 -15.59 22.78
N GLY A 166 12.24 -16.67 22.49
CA GLY A 166 13.19 -16.71 21.39
C GLY A 166 12.92 -17.88 20.46
N TYR A 167 13.67 -17.98 19.36
CA TYR A 167 13.50 -19.05 18.37
C TYR A 167 13.85 -20.43 18.92
N THR A 168 14.81 -20.46 19.83
CA THR A 168 15.24 -21.70 20.47
C THR A 168 14.37 -21.98 21.69
N ASN A 169 13.95 -23.23 21.86
CA ASN A 169 13.11 -23.57 22.99
C ASN A 169 11.76 -22.85 22.94
N ASP A 170 11.22 -22.71 21.74
CA ASP A 170 9.95 -22.03 21.54
C ASP A 170 8.77 -22.91 21.89
N THR A 171 8.62 -23.21 23.17
CA THR A 171 7.54 -24.08 23.62
C THR A 171 6.17 -23.46 23.44
N GLN A 172 6.07 -22.13 23.58
CA GLN A 172 4.78 -21.51 23.40
C GLN A 172 4.41 -21.37 21.94
N ASN A 173 5.38 -21.65 21.06
CA ASN A 173 5.09 -21.54 19.66
C ASN A 173 4.83 -20.10 19.24
N LEU A 174 5.75 -19.20 19.57
CA LEU A 174 5.57 -17.82 19.18
C LEU A 174 5.93 -17.70 17.71
N PHE A 175 6.75 -18.64 17.25
CA PHE A 175 7.24 -18.66 15.89
C PHE A 175 6.93 -19.94 15.12
N HIS A 176 7.21 -19.92 13.82
CA HIS A 176 7.02 -21.08 12.97
C HIS A 176 8.33 -21.84 12.88
N HIS A 177 8.25 -23.16 12.83
CA HIS A 177 9.45 -23.99 12.73
C HIS A 177 9.34 -24.96 11.57
N ASN A 178 9.12 -24.39 10.38
CA ASN A 178 8.94 -25.17 9.16
C ASN A 178 10.02 -24.95 8.10
N GLY A 179 11.22 -24.54 8.52
CA GLY A 179 12.28 -24.32 7.55
C GLY A 179 12.09 -23.00 6.82
N GLY A 180 12.75 -22.85 5.67
CA GLY A 180 12.67 -21.64 4.85
C GLY A 180 11.78 -21.81 3.62
N THR A 181 11.16 -20.70 3.19
CA THR A 181 10.29 -20.76 2.04
C THR A 181 11.08 -20.89 0.75
N ASP A 182 10.44 -21.45 -0.27
CA ASP A 182 11.08 -21.56 -1.56
C ASP A 182 10.23 -20.85 -2.59
N PHE A 183 9.20 -20.17 -2.08
CA PHE A 183 8.25 -19.43 -2.89
C PHE A 183 7.54 -20.27 -3.93
N SER A 184 7.57 -21.59 -3.75
CA SER A 184 6.91 -22.45 -4.73
C SER A 184 5.41 -22.31 -4.71
N THR A 185 4.86 -21.94 -3.56
CA THR A 185 3.43 -21.76 -3.43
C THR A 185 3.11 -20.67 -2.43
N THR A 186 1.87 -20.19 -2.47
CA THR A 186 1.46 -19.14 -1.55
C THR A 186 1.52 -19.61 -0.11
N GLU A 187 0.96 -20.79 0.12
CA GLU A 187 0.97 -21.35 1.46
C GLU A 187 2.40 -21.47 1.98
N ASN A 188 3.28 -21.95 1.10
CA ASN A 188 4.68 -22.13 1.41
C ASN A 188 5.35 -20.84 1.86
N GLY A 189 5.04 -19.75 1.18
CA GLY A 189 5.63 -18.47 1.53
C GLY A 189 5.04 -17.85 2.78
N ILE A 190 3.95 -18.42 3.29
CA ILE A 190 3.32 -17.85 4.47
C ILE A 190 3.74 -18.54 5.77
N TYR A 191 3.73 -19.86 5.74
CA TYR A 191 4.05 -20.66 6.91
C TYR A 191 5.51 -21.03 7.10
N LYS A 192 6.37 -20.53 6.22
CA LYS A 192 7.80 -20.78 6.29
C LYS A 192 8.54 -19.45 6.41
N ASN A 193 9.81 -19.50 6.83
CA ASN A 193 10.65 -18.32 7.02
C ASN A 193 11.15 -17.67 5.75
N LEU A 194 11.31 -16.34 5.83
CA LEU A 194 11.89 -15.57 4.75
C LEU A 194 13.37 -15.56 5.12
N TYR A 195 14.26 -15.99 4.23
CA TYR A 195 15.67 -16.04 4.56
C TYR A 195 15.84 -16.87 5.82
N ASP A 196 16.52 -16.31 6.81
CA ASP A 196 16.75 -16.97 8.08
C ASP A 196 16.02 -16.24 9.21
N LEU A 197 15.02 -15.44 8.85
CA LEU A 197 14.25 -14.68 9.82
C LEU A 197 13.19 -15.49 10.54
N ALA A 198 13.13 -15.33 11.86
CA ALA A 198 12.17 -16.04 12.70
C ALA A 198 10.74 -15.60 12.41
N ASP A 199 10.02 -16.49 11.73
CA ASP A 199 8.66 -16.23 11.33
C ASP A 199 7.68 -16.20 12.49
N LEU A 200 6.91 -15.11 12.61
CA LEU A 200 5.94 -14.98 13.67
C LEU A 200 4.69 -15.81 13.40
N ASN A 201 4.19 -16.45 14.46
CA ASN A 201 2.99 -17.28 14.39
C ASN A 201 1.80 -16.49 14.92
N HIS A 202 1.04 -15.93 13.99
CA HIS A 202 -0.11 -15.12 14.35
C HIS A 202 -1.27 -15.88 14.98
N ASN A 203 -1.20 -17.20 14.94
CA ASN A 203 -2.26 -17.98 15.55
C ASN A 203 -2.02 -18.07 17.05
N ASN A 204 -0.81 -17.67 17.46
CA ASN A 204 -0.49 -17.66 18.88
C ASN A 204 -1.14 -16.44 19.48
N SER A 205 -2.02 -16.66 20.46
CA SER A 205 -2.75 -15.60 21.14
C SER A 205 -1.90 -14.44 21.64
N THR A 206 -0.78 -14.77 22.27
CA THR A 206 0.11 -13.74 22.77
C THR A 206 0.58 -12.81 21.67
N VAL A 207 1.00 -13.43 20.56
CA VAL A 207 1.48 -12.69 19.40
C VAL A 207 0.41 -11.78 18.80
N ASP A 208 -0.80 -12.33 18.67
CA ASP A 208 -1.93 -11.62 18.13
C ASP A 208 -2.24 -10.35 18.90
N VAL A 209 -2.45 -10.53 20.20
CA VAL A 209 -2.78 -9.43 21.09
C VAL A 209 -1.67 -8.38 21.14
N TYR A 210 -0.45 -8.87 21.30
CA TYR A 210 0.72 -8.02 21.40
C TYR A 210 0.90 -7.09 20.21
N LEU A 211 0.87 -7.68 19.02
CA LEU A 211 1.03 -6.97 17.77
C LEU A 211 -0.06 -5.91 17.60
N LYS A 212 -1.29 -6.28 18.00
CA LYS A 212 -2.42 -5.38 17.91
C LYS A 212 -2.24 -4.22 18.89
N ASP A 213 -1.72 -4.53 20.07
CA ASP A 213 -1.46 -3.52 21.09
C ASP A 213 -0.35 -2.58 20.61
N ALA A 214 0.67 -3.15 19.99
CA ALA A 214 1.79 -2.38 19.49
C ALA A 214 1.39 -1.33 18.46
N ILE A 215 0.67 -1.73 17.41
CA ILE A 215 0.26 -0.75 16.41
C ILE A 215 -0.52 0.40 17.02
N LYS A 216 -1.32 0.08 18.04
CA LYS A 216 -2.11 1.07 18.75
C LYS A 216 -1.24 2.17 19.32
N MET A 217 -0.06 1.78 19.78
CA MET A 217 0.89 2.71 20.35
C MET A 217 1.33 3.73 19.30
N TRP A 218 1.66 3.21 18.12
CA TRP A 218 2.10 4.05 17.02
C TRP A 218 0.97 4.95 16.52
N LEU A 219 -0.25 4.41 16.53
CA LEU A 219 -1.40 5.18 16.11
C LEU A 219 -1.57 6.34 17.07
N ASP A 220 -1.37 6.05 18.36
CA ASP A 220 -1.49 7.05 19.41
C ASP A 220 -0.44 8.14 19.28
N LEU A 221 0.70 7.77 18.68
CA LEU A 221 1.78 8.72 18.47
C LEU A 221 1.51 9.66 17.30
N GLY A 222 0.43 9.42 16.55
CA GLY A 222 0.07 10.30 15.46
C GLY A 222 0.42 9.90 14.03
N ILE A 223 0.78 8.66 13.76
CA ILE A 223 1.09 8.29 12.38
C ILE A 223 -0.10 8.54 11.46
N ASP A 224 0.19 8.70 10.17
CA ASP A 224 -0.87 8.95 9.21
C ASP A 224 -1.10 7.80 8.23
N GLY A 225 -0.20 6.82 8.24
CA GLY A 225 -0.31 5.69 7.34
C GLY A 225 0.66 4.58 7.68
N ILE A 226 0.43 3.41 7.08
CA ILE A 226 1.28 2.26 7.30
C ILE A 226 1.59 1.50 6.04
N ARG A 227 2.87 1.15 5.90
CA ARG A 227 3.36 0.33 4.80
C ARG A 227 3.64 -1.05 5.38
N MET A 228 2.74 -2.00 5.09
CA MET A 228 2.85 -3.36 5.59
C MET A 228 3.81 -4.20 4.77
N ASN A 229 4.83 -4.70 5.46
CA ASN A 229 5.85 -5.51 4.82
C ASN A 229 5.37 -6.91 4.50
N ALA A 230 5.84 -7.43 3.36
CA ALA A 230 5.58 -8.77 2.88
C ALA A 230 4.20 -9.35 3.23
N VAL A 231 3.14 -8.68 2.79
CA VAL A 231 1.80 -9.14 3.09
C VAL A 231 1.47 -10.48 2.48
N LYS A 232 2.27 -10.85 1.49
CA LYS A 232 2.09 -12.11 0.81
C LYS A 232 2.66 -13.23 1.68
N HIS A 233 3.27 -12.85 2.80
CA HIS A 233 3.89 -13.83 3.68
C HIS A 233 3.27 -13.96 5.06
N MET A 234 2.06 -13.44 5.23
CA MET A 234 1.33 -13.51 6.48
C MET A 234 -0.07 -14.00 6.15
N PRO A 235 -0.70 -14.73 7.08
CA PRO A 235 -2.03 -15.23 6.82
C PRO A 235 -2.99 -14.09 6.50
N PHE A 236 -3.72 -14.24 5.40
CA PHE A 236 -4.65 -13.23 4.96
C PHE A 236 -5.75 -12.91 5.95
N GLY A 237 -6.33 -13.94 6.55
CA GLY A 237 -7.36 -13.72 7.54
C GLY A 237 -6.83 -12.94 8.74
N TRP A 238 -5.63 -13.27 9.17
CA TRP A 238 -5.07 -12.56 10.30
C TRP A 238 -4.92 -11.08 9.99
N GLN A 239 -4.40 -10.80 8.80
CA GLN A 239 -4.19 -9.44 8.38
C GLN A 239 -5.50 -8.69 8.33
N LYS A 240 -6.56 -9.37 7.91
CA LYS A 240 -7.86 -8.74 7.87
C LYS A 240 -8.28 -8.34 9.28
N SER A 241 -8.01 -9.21 10.25
CA SER A 241 -8.36 -8.90 11.63
C SER A 241 -7.51 -7.75 12.16
N PHE A 242 -6.29 -7.65 11.65
CA PHE A 242 -5.37 -6.58 12.03
C PHE A 242 -5.89 -5.25 11.52
N MET A 243 -6.34 -5.23 10.27
CA MET A 243 -6.88 -4.03 9.66
C MET A 243 -8.15 -3.60 10.39
N ALA A 244 -8.94 -4.58 10.83
CA ALA A 244 -10.16 -4.29 11.55
C ALA A 244 -9.82 -3.62 12.88
N ALA A 245 -8.78 -4.15 13.52
CA ALA A 245 -8.35 -3.59 14.79
C ALA A 245 -8.00 -2.12 14.60
N VAL A 246 -7.21 -1.87 13.56
CA VAL A 246 -6.78 -0.53 13.24
C VAL A 246 -7.96 0.37 12.89
N ASN A 247 -8.78 -0.10 11.97
CA ASN A 247 -9.93 0.65 11.51
C ASN A 247 -10.98 0.93 12.56
N ASN A 248 -11.18 -0.01 13.48
CA ASN A 248 -12.17 0.16 14.52
C ASN A 248 -11.66 0.99 15.70
N TYR A 249 -10.43 1.48 15.56
CA TYR A 249 -9.81 2.28 16.59
C TYR A 249 -9.49 3.66 16.03
N LYS A 250 -8.43 3.72 15.23
CA LYS A 250 -7.98 4.93 14.57
C LYS A 250 -7.53 4.55 13.17
N PRO A 251 -8.44 4.62 12.21
CA PRO A 251 -8.13 4.25 10.83
C PRO A 251 -7.10 5.15 10.15
N VAL A 252 -6.10 4.52 9.53
CA VAL A 252 -5.06 5.20 8.77
C VAL A 252 -4.76 4.46 7.46
N PHE A 253 -4.46 5.22 6.41
CA PHE A 253 -4.15 4.66 5.09
C PHE A 253 -3.07 3.59 5.19
N THR A 254 -3.41 2.37 4.75
CA THR A 254 -2.47 1.26 4.83
C THR A 254 -2.30 0.53 3.49
N PHE A 255 -1.06 0.26 3.11
CA PHE A 255 -0.76 -0.45 1.88
C PHE A 255 0.29 -1.53 2.12
N GLY A 256 0.13 -2.70 1.51
CA GLY A 256 1.07 -3.78 1.72
C GLY A 256 1.99 -4.12 0.55
N GLN A 257 3.07 -4.82 0.88
CA GLN A 257 4.03 -5.22 -0.12
C GLN A 257 3.83 -6.67 -0.57
N TRP A 258 3.28 -6.80 -1.77
CA TRP A 258 3.01 -8.05 -2.43
C TRP A 258 3.75 -8.04 -3.75
N PHE A 259 4.99 -8.51 -3.70
CA PHE A 259 5.87 -8.55 -4.86
C PHE A 259 5.34 -9.31 -6.07
N LEU A 260 5.55 -8.73 -7.25
CA LEU A 260 5.18 -9.30 -8.53
C LEU A 260 6.35 -9.15 -9.50
N GLY A 261 6.64 -10.20 -10.27
CA GLY A 261 7.74 -10.13 -11.21
C GLY A 261 7.30 -9.59 -12.56
N VAL A 262 8.25 -9.53 -13.49
CA VAL A 262 7.98 -9.06 -14.84
C VAL A 262 6.93 -9.93 -15.48
N ASN A 263 5.96 -9.29 -16.14
CA ASN A 263 4.88 -10.00 -16.81
C ASN A 263 3.95 -10.77 -15.87
N GLU A 264 4.10 -10.57 -14.57
CA GLU A 264 3.25 -11.28 -13.64
C GLU A 264 1.95 -10.57 -13.27
N VAL A 265 0.83 -11.23 -13.53
CA VAL A 265 -0.49 -10.69 -13.20
C VAL A 265 -1.19 -11.70 -12.29
N SER A 266 -1.40 -11.34 -11.02
CA SER A 266 -2.00 -12.27 -10.06
C SER A 266 -3.39 -11.98 -9.52
N PRO A 267 -4.29 -12.95 -9.71
CA PRO A 267 -5.66 -12.84 -9.21
C PRO A 267 -5.70 -12.86 -7.69
N GLU A 268 -4.76 -13.59 -7.08
CA GLU A 268 -4.70 -13.66 -5.63
C GLU A 268 -4.38 -12.27 -5.08
N ASN A 269 -3.45 -11.63 -5.78
CA ASN A 269 -3.01 -10.29 -5.43
C ASN A 269 -4.19 -9.32 -5.51
N HIS A 270 -4.99 -9.44 -6.57
CA HIS A 270 -6.16 -8.58 -6.75
C HIS A 270 -7.17 -8.73 -5.62
N LYS A 271 -7.45 -9.98 -5.28
CA LYS A 271 -8.40 -10.33 -4.23
C LYS A 271 -7.99 -9.79 -2.87
N PHE A 272 -6.71 -9.90 -2.57
CA PHE A 272 -6.18 -9.40 -1.32
C PHE A 272 -6.42 -7.90 -1.21
N ALA A 273 -6.09 -7.17 -2.28
CA ALA A 273 -6.28 -5.73 -2.29
C ALA A 273 -7.75 -5.37 -2.24
N ASN A 274 -8.58 -6.23 -2.83
CA ASN A 274 -10.01 -5.98 -2.87
C ASN A 274 -10.76 -6.30 -1.59
N GLU A 275 -10.26 -7.24 -0.79
CA GLU A 275 -10.98 -7.62 0.41
C GLU A 275 -10.20 -7.68 1.73
N SER A 276 -8.91 -7.37 1.73
CA SER A 276 -8.15 -7.47 2.96
C SER A 276 -8.37 -6.34 3.96
N GLY A 277 -8.70 -5.16 3.46
CA GLY A 277 -8.87 -4.03 4.35
C GLY A 277 -7.74 -3.03 4.13
N MET A 278 -6.81 -3.39 3.23
CA MET A 278 -5.68 -2.56 2.86
C MET A 278 -5.48 -2.63 1.36
N SER A 279 -4.71 -1.69 0.82
CA SER A 279 -4.40 -1.67 -0.60
C SER A 279 -2.98 -2.20 -0.79
N LEU A 280 -2.44 -2.13 -2.00
CA LEU A 280 -1.09 -2.65 -2.20
C LEU A 280 -0.18 -1.75 -3.00
N LEU A 281 1.11 -2.05 -2.90
CA LEU A 281 2.14 -1.40 -3.68
C LEU A 281 1.94 -1.95 -5.09
N ASP A 282 1.80 -1.06 -6.06
CA ASP A 282 1.54 -1.43 -7.44
C ASP A 282 2.70 -2.01 -8.25
N PHE A 283 3.09 -3.25 -7.97
CA PHE A 283 4.18 -3.89 -8.69
C PHE A 283 3.89 -4.11 -10.17
N ARG A 284 2.62 -4.35 -10.50
CA ARG A 284 2.24 -4.56 -11.87
C ARG A 284 2.55 -3.33 -12.71
N PHE A 285 2.27 -2.19 -12.11
CA PHE A 285 2.52 -0.90 -12.74
C PHE A 285 4.01 -0.68 -12.91
N ALA A 286 4.72 -0.82 -11.81
CA ALA A 286 6.16 -0.62 -11.78
C ALA A 286 6.93 -1.48 -12.78
N GLN A 287 6.61 -2.77 -12.80
CA GLN A 287 7.29 -3.68 -13.72
C GLN A 287 7.05 -3.28 -15.18
N LYS A 288 5.80 -2.94 -15.51
CA LYS A 288 5.50 -2.54 -16.87
C LYS A 288 6.22 -1.25 -17.26
N VAL A 289 6.29 -0.31 -16.31
CA VAL A 289 6.96 0.95 -16.55
C VAL A 289 8.42 0.74 -16.93
N ARG A 290 9.11 -0.13 -16.20
CA ARG A 290 10.52 -0.41 -16.49
C ARG A 290 10.70 -1.05 -17.86
N GLN A 291 9.81 -1.97 -18.20
CA GLN A 291 9.88 -2.64 -19.49
C GLN A 291 9.80 -1.67 -20.65
N VAL A 292 8.85 -0.75 -20.55
CA VAL A 292 8.58 0.24 -21.57
C VAL A 292 9.55 1.41 -21.64
N PHE A 293 9.90 1.94 -20.49
CA PHE A 293 10.77 3.11 -20.46
C PHE A 293 12.23 2.83 -20.13
N ARG A 294 12.50 1.67 -19.53
CA ARG A 294 13.87 1.40 -19.14
C ARG A 294 14.61 0.32 -19.90
N ASP A 295 14.02 -0.86 -19.97
CA ASP A 295 14.66 -2.01 -20.60
C ASP A 295 14.23 -2.29 -22.03
N ASN A 296 13.27 -1.53 -22.53
CA ASN A 296 12.81 -1.72 -23.88
C ASN A 296 12.39 -3.14 -24.17
N THR A 297 11.52 -3.70 -23.33
CA THR A 297 11.04 -5.06 -23.49
C THR A 297 9.55 -5.12 -23.79
N ASP A 298 8.95 -3.95 -23.88
CA ASP A 298 7.55 -3.80 -24.21
C ASP A 298 7.34 -2.41 -24.76
N ASN A 299 6.19 -2.18 -25.37
CA ASN A 299 5.92 -0.88 -25.93
C ASN A 299 4.66 -0.24 -25.33
N MET A 300 4.27 0.89 -25.90
CA MET A 300 3.09 1.60 -25.42
C MET A 300 1.85 0.72 -25.33
N TYR A 301 1.72 -0.25 -26.24
CA TYR A 301 0.56 -1.12 -26.22
C TYR A 301 0.45 -1.89 -24.91
N GLY A 302 1.61 -2.30 -24.41
CA GLY A 302 1.68 -3.02 -23.14
C GLY A 302 1.39 -2.10 -21.97
N LEU A 303 1.82 -0.84 -22.09
CA LEU A 303 1.58 0.15 -21.06
C LEU A 303 0.07 0.37 -20.94
N LYS A 304 -0.57 0.57 -22.08
CA LYS A 304 -2.01 0.78 -22.14
C LYS A 304 -2.79 -0.42 -21.59
N ALA A 305 -2.36 -1.62 -21.94
CA ALA A 305 -3.05 -2.81 -21.45
C ALA A 305 -2.99 -2.92 -19.93
N MET A 306 -1.86 -2.55 -19.34
CA MET A 306 -1.68 -2.59 -17.90
C MET A 306 -2.62 -1.61 -17.22
N LEU A 307 -2.70 -0.40 -17.79
CA LEU A 307 -3.56 0.65 -17.25
C LEU A 307 -5.01 0.22 -17.26
N GLU A 308 -5.46 -0.28 -18.40
CA GLU A 308 -6.82 -0.73 -18.57
C GLU A 308 -7.15 -1.95 -17.73
N GLY A 309 -6.28 -2.94 -17.77
CA GLY A 309 -6.52 -4.13 -16.99
C GLY A 309 -6.58 -3.79 -15.52
N SER A 310 -5.54 -3.11 -15.03
CA SER A 310 -5.50 -2.75 -13.62
C SER A 310 -6.76 -2.02 -13.13
N ALA A 311 -7.24 -1.04 -13.91
CA ALA A 311 -8.42 -0.30 -13.52
C ALA A 311 -9.64 -1.19 -13.30
N ALA A 312 -9.67 -2.33 -13.97
CA ALA A 312 -10.79 -3.25 -13.82
C ALA A 312 -10.53 -4.30 -12.74
N ASP A 313 -9.28 -4.73 -12.62
CA ASP A 313 -8.91 -5.75 -11.65
C ASP A 313 -8.93 -5.28 -10.21
N TYR A 314 -8.58 -4.02 -10.00
CA TYR A 314 -8.56 -3.44 -8.66
C TYR A 314 -9.83 -2.65 -8.37
N ALA A 315 -10.59 -3.06 -7.35
CA ALA A 315 -11.80 -2.36 -7.00
C ALA A 315 -11.50 -0.90 -6.67
N GLN A 316 -10.39 -0.64 -6.00
CA GLN A 316 -10.03 0.73 -5.69
C GLN A 316 -8.63 1.02 -6.24
N VAL A 317 -8.56 1.13 -7.56
CA VAL A 317 -7.30 1.37 -8.22
C VAL A 317 -6.55 2.60 -7.70
N ASP A 318 -7.32 3.59 -7.28
CA ASP A 318 -6.76 4.83 -6.78
C ASP A 318 -6.03 4.70 -5.46
N ASP A 319 -6.14 3.53 -4.84
CA ASP A 319 -5.48 3.27 -3.58
C ASP A 319 -4.16 2.53 -3.76
N GLN A 320 -3.83 2.13 -4.99
CA GLN A 320 -2.58 1.43 -5.23
C GLN A 320 -1.41 2.40 -5.27
N VAL A 321 -0.33 2.02 -4.58
CA VAL A 321 0.87 2.84 -4.49
C VAL A 321 1.87 2.54 -5.60
N THR A 322 1.99 3.49 -6.52
CA THR A 322 2.87 3.36 -7.66
C THR A 322 4.30 3.77 -7.38
N PHE A 323 5.20 3.29 -8.24
CA PHE A 323 6.62 3.58 -8.12
C PHE A 323 7.35 3.05 -9.35
N ILE A 324 8.62 3.45 -9.50
CA ILE A 324 9.46 3.00 -10.60
C ILE A 324 10.64 2.16 -10.15
N ASP A 325 10.88 2.16 -8.84
CA ASP A 325 11.96 1.40 -8.21
C ASP A 325 11.82 1.44 -6.69
N ASN A 326 12.69 0.72 -5.99
CA ASN A 326 12.66 0.69 -4.54
C ASN A 326 13.91 0.04 -3.96
N HIS A 327 13.95 -0.11 -2.64
CA HIS A 327 15.09 -0.68 -1.91
C HIS A 327 15.39 -2.13 -2.22
N ASP A 328 14.53 -2.76 -3.02
CA ASP A 328 14.72 -4.16 -3.36
C ASP A 328 14.94 -4.39 -4.85
N MET A 329 15.06 -3.33 -5.62
CA MET A 329 15.28 -3.44 -7.04
C MET A 329 16.50 -2.64 -7.44
N GLU A 330 17.01 -2.89 -8.64
CA GLU A 330 18.12 -2.11 -9.14
C GLU A 330 17.57 -0.72 -9.40
N ARG A 331 18.38 0.30 -9.14
CA ARG A 331 17.93 1.67 -9.37
C ARG A 331 17.50 1.85 -10.82
N PHE A 332 16.42 2.59 -11.02
CA PHE A 332 15.92 2.83 -12.36
C PHE A 332 16.98 3.35 -13.31
N HIS A 333 17.66 4.42 -12.89
CA HIS A 333 18.69 5.03 -13.72
C HIS A 333 19.95 4.19 -13.81
N ALA A 334 20.29 3.80 -15.04
CA ALA A 334 21.49 3.04 -15.32
C ALA A 334 22.60 4.04 -15.59
N SER A 335 23.78 3.76 -15.04
CA SER A 335 24.94 4.62 -15.16
C SER A 335 25.15 5.31 -16.50
N ASN A 336 25.15 4.48 -17.54
CA ASN A 336 25.37 4.90 -18.91
C ASN A 336 24.10 5.19 -19.69
N ALA A 337 22.98 5.42 -18.99
CA ALA A 337 21.75 5.64 -19.72
C ALA A 337 21.32 7.09 -19.88
N ASN A 338 20.43 7.29 -20.85
CA ASN A 338 19.88 8.60 -21.12
C ASN A 338 18.93 8.97 -19.98
N ARG A 339 19.24 10.07 -19.31
CA ARG A 339 18.45 10.55 -18.19
C ARG A 339 16.99 10.80 -18.51
N ARG A 340 16.70 11.05 -19.78
CA ARG A 340 15.34 11.30 -20.20
C ARG A 340 14.43 10.12 -19.90
N LYS A 341 15.01 8.93 -19.85
CA LYS A 341 14.23 7.73 -19.56
C LYS A 341 13.60 7.82 -18.17
N LEU A 342 14.42 8.18 -17.20
CA LEU A 342 13.98 8.33 -15.83
C LEU A 342 13.00 9.48 -15.68
N GLU A 343 13.32 10.59 -16.34
CA GLU A 343 12.48 11.78 -16.31
C GLU A 343 11.07 11.47 -16.78
N GLN A 344 11.00 10.76 -17.89
CA GLN A 344 9.73 10.36 -18.47
C GLN A 344 8.96 9.45 -17.53
N ALA A 345 9.63 8.43 -16.98
CA ALA A 345 8.99 7.51 -16.06
C ALA A 345 8.41 8.24 -14.84
N LEU A 346 9.16 9.23 -14.36
CA LEU A 346 8.71 10.01 -13.21
C LEU A 346 7.43 10.76 -13.57
N ALA A 347 7.47 11.49 -14.67
CA ALA A 347 6.33 12.26 -15.10
C ALA A 347 5.09 11.40 -15.28
N PHE A 348 5.31 10.22 -15.85
CA PHE A 348 4.22 9.28 -16.08
C PHE A 348 3.57 8.90 -14.76
N THR A 349 4.40 8.45 -13.84
CA THR A 349 3.95 8.04 -12.52
C THR A 349 3.20 9.14 -11.77
N LEU A 350 3.75 10.34 -11.75
CA LEU A 350 3.16 11.48 -11.06
C LEU A 350 1.79 11.88 -11.57
N THR A 351 1.55 11.66 -12.86
CA THR A 351 0.29 12.04 -13.48
C THR A 351 -0.71 10.91 -13.62
N SER A 352 -0.32 9.70 -13.21
CA SER A 352 -1.16 8.53 -13.30
C SER A 352 -1.97 8.24 -12.03
N ARG A 353 -2.92 7.33 -12.16
CA ARG A 353 -3.78 6.94 -11.04
C ARG A 353 -3.03 6.24 -9.93
N GLY A 354 -3.60 6.34 -8.72
CA GLY A 354 -3.05 5.73 -7.52
C GLY A 354 -2.42 6.74 -6.59
N VAL A 355 -1.37 6.30 -5.90
CA VAL A 355 -0.59 7.08 -4.96
C VAL A 355 0.88 6.89 -5.27
N PRO A 356 1.48 7.90 -5.88
CA PRO A 356 2.88 7.84 -6.26
C PRO A 356 3.88 7.88 -5.13
N ALA A 357 4.87 6.99 -5.23
CA ALA A 357 5.93 6.95 -4.25
C ALA A 357 7.28 7.04 -4.95
N ILE A 358 8.14 7.93 -4.47
CA ILE A 358 9.45 8.11 -5.05
C ILE A 358 10.53 7.68 -4.08
N TYR A 359 11.37 6.74 -4.52
CA TYR A 359 12.48 6.24 -3.74
C TYR A 359 13.53 7.34 -3.58
N TYR A 360 13.95 7.63 -2.35
CA TYR A 360 14.92 8.68 -2.08
C TYR A 360 16.14 8.64 -3.00
N GLY A 361 16.53 9.80 -3.54
CA GLY A 361 17.70 9.87 -4.40
C GLY A 361 17.42 9.69 -5.89
N THR A 362 16.21 9.28 -6.24
CA THR A 362 15.86 9.11 -7.63
C THR A 362 16.12 10.41 -8.40
N GLU A 363 15.73 11.50 -7.74
CA GLU A 363 15.85 12.85 -8.26
C GLU A 363 17.30 13.31 -8.39
N GLN A 364 18.20 12.49 -7.85
CA GLN A 364 19.63 12.78 -7.92
C GLN A 364 20.34 11.86 -8.90
N TYR A 365 19.56 11.11 -9.70
CA TYR A 365 20.08 10.19 -10.69
C TYR A 365 20.98 9.11 -10.10
N MET A 366 20.64 8.66 -8.90
CA MET A 366 21.40 7.61 -8.24
C MET A 366 21.30 6.32 -9.03
N SER A 367 22.42 5.63 -9.14
CA SER A 367 22.46 4.36 -9.84
C SER A 367 22.96 3.30 -8.89
N GLY A 368 22.59 2.05 -9.13
CA GLY A 368 23.04 0.98 -8.26
C GLY A 368 22.27 -0.30 -8.51
N GLY A 369 22.90 -1.43 -8.22
CA GLY A 369 22.28 -2.74 -8.40
C GLY A 369 21.47 -3.15 -7.19
N THR A 370 21.21 -4.44 -7.09
CA THR A 370 20.44 -4.97 -5.97
C THR A 370 21.17 -4.81 -4.64
N ASP A 371 20.39 -5.00 -3.58
CA ASP A 371 20.80 -4.92 -2.20
C ASP A 371 22.23 -5.38 -1.98
N PRO A 372 23.08 -4.53 -1.41
CA PRO A 372 22.71 -3.21 -0.92
C PRO A 372 23.14 -2.05 -1.80
N ASP A 373 23.56 -2.34 -3.04
CA ASP A 373 24.02 -1.31 -3.95
C ASP A 373 22.99 -0.24 -4.31
N ASN A 374 21.73 -0.52 -4.04
CA ASN A 374 20.67 0.42 -4.33
C ASN A 374 20.34 1.29 -3.13
N ARG A 375 21.14 1.17 -2.07
CA ARG A 375 20.91 1.92 -0.84
C ARG A 375 22.05 2.83 -0.43
N ALA A 376 22.73 3.45 -1.38
CA ALA A 376 23.82 4.32 -1.01
C ALA A 376 23.28 5.59 -0.37
N ARG A 377 24.18 6.33 0.28
CA ARG A 377 23.79 7.58 0.91
C ARG A 377 23.46 8.61 -0.17
N ILE A 378 22.38 9.36 0.00
CA ILE A 378 22.02 10.37 -0.98
C ILE A 378 23.22 11.29 -1.20
N PRO A 379 23.70 11.36 -2.45
CA PRO A 379 24.90 12.12 -2.78
C PRO A 379 24.73 13.62 -2.90
N SER A 380 23.49 14.10 -2.91
CA SER A 380 23.29 15.52 -3.06
C SER A 380 21.90 15.96 -2.68
N PHE A 381 21.77 17.26 -2.37
CA PHE A 381 20.51 17.88 -2.02
C PHE A 381 20.28 19.04 -2.97
N SER A 382 20.65 18.81 -4.24
CA SER A 382 20.48 19.83 -5.26
C SER A 382 19.06 19.92 -5.82
N THR A 383 18.55 21.15 -5.92
CA THR A 383 17.23 21.36 -6.46
C THR A 383 17.33 21.73 -7.93
N SER A 384 18.55 21.68 -8.46
CA SER A 384 18.80 22.05 -9.85
C SER A 384 18.71 20.92 -10.85
N THR A 385 18.52 19.68 -10.41
CA THR A 385 18.44 18.61 -11.40
C THR A 385 17.14 18.71 -12.18
N THR A 386 17.14 18.18 -13.39
CA THR A 386 15.94 18.19 -14.19
C THR A 386 14.86 17.35 -13.53
N ALA A 387 15.28 16.22 -12.96
CA ALA A 387 14.37 15.31 -12.27
C ALA A 387 13.67 16.00 -11.10
N TYR A 388 14.46 16.72 -10.30
CA TYR A 388 13.91 17.46 -9.18
C TYR A 388 12.79 18.38 -9.62
N GLN A 389 13.09 19.12 -10.70
CA GLN A 389 12.14 20.06 -11.27
C GLN A 389 10.87 19.40 -11.83
N VAL A 390 11.04 18.20 -12.39
CA VAL A 390 9.90 17.48 -12.92
C VAL A 390 8.89 17.22 -11.80
N ILE A 391 9.41 16.77 -10.66
CA ILE A 391 8.58 16.45 -9.51
C ILE A 391 7.95 17.70 -8.93
N GLN A 392 8.78 18.74 -8.89
CA GLN A 392 8.38 20.03 -8.40
C GLN A 392 7.20 20.60 -9.17
N LYS A 393 7.18 20.41 -10.48
CA LYS A 393 6.09 20.94 -11.29
C LYS A 393 4.86 20.06 -11.31
N LEU A 394 5.06 18.75 -11.17
CA LEU A 394 3.95 17.80 -11.24
C LEU A 394 3.30 17.35 -9.94
N ALA A 395 4.08 17.28 -8.88
CA ALA A 395 3.52 16.83 -7.62
C ALA A 395 2.32 17.65 -7.14
N PRO A 396 2.44 18.98 -7.19
CA PRO A 396 1.37 19.85 -6.75
C PRO A 396 0.06 19.72 -7.52
N LEU A 397 0.13 19.18 -8.74
CA LEU A 397 -1.05 18.99 -9.57
C LEU A 397 -2.00 18.00 -8.92
N ARG A 398 -1.43 17.09 -8.15
CA ARG A 398 -2.22 16.08 -7.47
C ARG A 398 -3.14 16.72 -6.46
N LYS A 399 -2.69 17.83 -5.91
CA LYS A 399 -3.48 18.54 -4.94
C LYS A 399 -4.50 19.45 -5.61
N CYS A 400 -4.04 20.23 -6.58
CA CYS A 400 -4.92 21.17 -7.24
C CYS A 400 -5.84 20.63 -8.31
N ASN A 401 -5.50 19.50 -8.94
CA ASN A 401 -6.35 18.96 -9.98
C ASN A 401 -6.83 17.57 -9.62
N PRO A 402 -8.07 17.50 -9.11
CA PRO A 402 -8.71 16.27 -8.69
C PRO A 402 -8.78 15.22 -9.79
N ALA A 403 -8.58 15.64 -11.04
CA ALA A 403 -8.62 14.68 -12.12
C ALA A 403 -7.41 13.74 -12.01
N ILE A 404 -6.29 14.30 -11.55
CA ILE A 404 -5.06 13.53 -11.38
C ILE A 404 -5.16 12.56 -10.21
N ALA A 405 -5.78 13.05 -9.14
CA ALA A 405 -5.97 12.30 -7.90
C ALA A 405 -7.05 11.24 -7.95
N TYR A 406 -8.20 11.56 -8.54
CA TYR A 406 -9.33 10.63 -8.58
C TYR A 406 -9.88 10.27 -9.94
N GLY A 407 -9.34 10.82 -11.01
CA GLY A 407 -9.93 10.55 -12.32
C GLY A 407 -9.70 9.18 -12.94
N SER A 408 -10.55 8.92 -13.94
CA SER A 408 -10.50 7.73 -14.75
C SER A 408 -9.32 7.93 -15.69
N THR A 409 -8.94 6.89 -16.42
CA THR A 409 -7.83 6.96 -17.35
C THR A 409 -8.28 6.49 -18.72
N GLN A 410 -7.99 7.27 -19.75
CA GLN A 410 -8.39 6.93 -21.11
C GLN A 410 -7.32 7.24 -22.15
N GLU A 411 -7.00 6.24 -22.97
CA GLU A 411 -6.01 6.42 -24.02
C GLU A 411 -6.64 7.27 -25.11
N ARG A 412 -5.89 8.25 -25.62
CA ARG A 412 -6.40 9.15 -26.64
C ARG A 412 -5.62 9.10 -27.95
N TRP A 413 -4.36 8.66 -27.87
CA TRP A 413 -3.49 8.53 -29.03
C TRP A 413 -2.44 7.46 -28.75
N ILE A 414 -2.15 6.60 -29.71
CA ILE A 414 -1.16 5.58 -29.44
C ILE A 414 -0.48 4.95 -30.65
N ASN A 415 0.78 4.60 -30.44
CA ASN A 415 1.62 3.90 -31.41
C ASN A 415 2.69 3.16 -30.63
N ASN A 416 3.70 2.59 -31.31
CA ASN A 416 4.74 1.86 -30.59
C ASN A 416 5.44 2.68 -29.53
N ASP A 417 5.70 3.94 -29.86
CA ASP A 417 6.45 4.79 -28.98
C ASP A 417 5.70 5.91 -28.30
N VAL A 418 4.51 6.23 -28.79
CA VAL A 418 3.75 7.31 -28.19
C VAL A 418 2.51 6.87 -27.43
N LEU A 419 2.29 7.55 -26.31
CA LEU A 419 1.10 7.33 -25.50
C LEU A 419 0.55 8.67 -25.05
N ILE A 420 -0.70 8.93 -25.38
CA ILE A 420 -1.37 10.16 -24.97
C ILE A 420 -2.61 9.75 -24.19
N TYR A 421 -2.61 10.04 -22.89
CA TYR A 421 -3.75 9.64 -22.05
C TYR A 421 -4.43 10.80 -21.36
N GLU A 422 -5.67 10.57 -20.96
CA GLU A 422 -6.49 11.57 -20.31
C GLU A 422 -7.05 11.11 -18.97
N ARG A 423 -7.01 12.03 -18.01
CA ARG A 423 -7.54 11.83 -16.66
C ARG A 423 -8.76 12.72 -16.53
N LYS A 424 -9.83 12.19 -15.92
CA LYS A 424 -11.03 13.00 -15.79
C LYS A 424 -11.80 12.79 -14.49
N PHE A 425 -12.16 13.91 -13.84
CA PHE A 425 -12.92 13.87 -12.60
C PHE A 425 -13.85 15.07 -12.50
N GLY A 426 -15.14 14.86 -12.71
CA GLY A 426 -16.05 15.98 -12.65
C GLY A 426 -15.70 16.94 -13.79
N SER A 427 -15.61 18.23 -13.49
CA SER A 427 -15.28 19.21 -14.51
C SER A 427 -13.77 19.29 -14.81
N ASN A 428 -12.97 18.60 -14.00
CA ASN A 428 -11.52 18.62 -14.14
C ASN A 428 -10.94 17.64 -15.15
N VAL A 429 -9.93 18.12 -15.91
CA VAL A 429 -9.27 17.34 -16.94
C VAL A 429 -7.75 17.52 -16.97
N ALA A 430 -7.05 16.48 -17.41
CA ALA A 430 -5.60 16.47 -17.55
C ALA A 430 -5.23 15.52 -18.68
N VAL A 431 -4.42 16.02 -19.62
CA VAL A 431 -3.95 15.26 -20.76
C VAL A 431 -2.43 15.23 -20.77
N VAL A 432 -1.88 14.02 -20.88
CA VAL A 432 -0.44 13.82 -20.89
C VAL A 432 0.05 13.10 -22.14
N ALA A 433 1.12 13.61 -22.72
CA ALA A 433 1.70 13.04 -23.92
C ALA A 433 3.13 12.59 -23.67
N VAL A 434 3.46 11.36 -24.07
CA VAL A 434 4.80 10.83 -23.90
C VAL A 434 5.32 10.12 -25.15
N ASN A 435 6.51 10.54 -25.59
CA ASN A 435 7.19 9.96 -26.74
C ASN A 435 8.51 9.38 -26.25
N ARG A 436 8.51 8.08 -26.00
CA ARG A 436 9.69 7.39 -25.49
C ARG A 436 10.80 7.27 -26.51
N ASN A 437 10.46 7.46 -27.77
CA ASN A 437 11.46 7.37 -28.81
C ASN A 437 12.38 8.58 -28.69
N LEU A 438 13.62 8.32 -28.28
CA LEU A 438 14.61 9.35 -28.08
C LEU A 438 15.24 9.86 -29.36
N ASN A 439 14.99 9.17 -30.48
CA ASN A 439 15.60 9.60 -31.74
C ASN A 439 14.60 10.09 -32.76
N ALA A 440 13.34 9.76 -32.58
CA ALA A 440 12.38 10.19 -33.57
C ALA A 440 11.18 10.92 -33.01
N PRO A 441 10.84 12.03 -33.65
CA PRO A 441 9.67 12.80 -33.26
C PRO A 441 8.45 12.10 -33.84
N ALA A 442 7.28 12.45 -33.34
CA ALA A 442 6.04 11.87 -33.84
C ALA A 442 5.11 12.97 -34.30
N SER A 443 4.40 12.71 -35.39
CA SER A 443 3.46 13.68 -35.92
C SER A 443 2.08 13.35 -35.37
N ILE A 444 1.58 14.22 -34.50
CA ILE A 444 0.29 13.98 -33.88
C ILE A 444 -0.90 14.70 -34.49
N SER A 445 -1.75 13.91 -35.14
CA SER A 445 -2.97 14.41 -35.76
C SER A 445 -4.12 13.48 -35.38
N GLY A 446 -5.32 14.04 -35.31
CA GLY A 446 -6.51 13.28 -34.96
C GLY A 446 -6.76 13.14 -33.46
N LEU A 447 -5.94 13.79 -32.64
CA LEU A 447 -6.13 13.71 -31.20
C LEU A 447 -7.42 14.38 -30.76
N VAL A 448 -8.20 13.67 -29.96
CA VAL A 448 -9.46 14.18 -29.43
C VAL A 448 -9.42 14.07 -27.91
N THR A 449 -9.87 15.12 -27.21
CA THR A 449 -9.88 15.13 -25.75
C THR A 449 -11.15 15.76 -25.19
N SER A 450 -11.21 15.82 -23.86
CA SER A 450 -12.32 16.41 -23.12
C SER A 450 -12.02 17.85 -22.71
N LEU A 451 -10.86 18.36 -23.13
CA LEU A 451 -10.49 19.72 -22.80
C LEU A 451 -11.38 20.71 -23.53
N PRO A 452 -11.75 21.79 -22.86
CA PRO A 452 -12.56 22.80 -23.50
C PRO A 452 -11.74 23.50 -24.56
N GLN A 453 -12.41 24.24 -25.43
CA GLN A 453 -11.74 24.99 -26.47
C GLN A 453 -10.75 25.96 -25.86
N GLY A 454 -9.58 26.09 -26.47
CA GLY A 454 -8.59 27.01 -25.95
C GLY A 454 -7.15 26.54 -26.19
N SER A 455 -6.21 27.29 -25.62
CA SER A 455 -4.79 27.00 -25.72
C SER A 455 -4.28 26.64 -24.34
N TYR A 456 -3.49 25.58 -24.29
CA TYR A 456 -2.94 25.10 -23.04
C TYR A 456 -1.43 25.06 -23.00
N ASN A 457 -0.87 25.70 -21.99
CA ASN A 457 0.56 25.69 -21.83
C ASN A 457 0.98 24.38 -21.18
N ASP A 458 2.20 23.95 -21.50
CA ASP A 458 2.74 22.73 -20.95
C ASP A 458 3.06 22.96 -19.48
N VAL A 459 2.45 22.19 -18.58
CA VAL A 459 2.72 22.35 -17.15
C VAL A 459 4.21 22.20 -16.84
N LEU A 460 4.92 21.42 -17.64
CA LEU A 460 6.35 21.20 -17.47
C LEU A 460 7.18 22.34 -18.02
N GLY A 461 6.52 23.31 -18.65
CA GLY A 461 7.19 24.45 -19.24
C GLY A 461 8.22 24.12 -20.30
N GLY A 462 8.04 23.02 -21.04
CA GLY A 462 8.99 22.68 -22.07
C GLY A 462 10.23 21.97 -21.50
N LEU A 463 10.21 21.76 -20.19
CA LEU A 463 11.30 21.09 -19.52
C LEU A 463 11.67 19.77 -20.20
N LEU A 464 10.66 18.99 -20.61
CA LEU A 464 10.91 17.72 -21.28
C LEU A 464 10.59 17.79 -22.76
N ASN A 465 10.86 18.94 -23.36
CA ASN A 465 10.61 19.16 -24.77
C ASN A 465 9.14 19.10 -25.15
N GLY A 466 8.28 19.47 -24.21
CA GLY A 466 6.85 19.48 -24.44
C GLY A 466 6.46 20.72 -25.24
N ASN A 467 5.18 20.87 -25.56
CA ASN A 467 4.73 22.00 -26.33
C ASN A 467 3.34 22.45 -25.92
N THR A 468 2.93 23.59 -26.47
CA THR A 468 1.62 24.15 -26.22
C THR A 468 0.58 23.36 -27.01
N LEU A 469 -0.61 23.22 -26.45
CA LEU A 469 -1.68 22.50 -27.13
C LEU A 469 -2.84 23.42 -27.50
N SER A 470 -3.29 23.31 -28.75
CA SER A 470 -4.41 24.10 -29.26
C SER A 470 -5.61 23.20 -29.48
N VAL A 471 -6.67 23.49 -28.75
CA VAL A 471 -7.90 22.71 -28.82
C VAL A 471 -9.06 23.50 -29.39
N GLY A 472 -9.67 22.95 -30.42
CA GLY A 472 -10.82 23.57 -31.04
C GLY A 472 -12.09 23.04 -30.42
N SER A 473 -13.23 23.31 -31.05
CA SER A 473 -14.47 22.79 -30.53
C SER A 473 -14.46 21.28 -30.69
N GLY A 474 -15.26 20.61 -29.89
CA GLY A 474 -15.30 19.15 -29.97
C GLY A 474 -14.11 18.48 -29.31
N GLY A 475 -13.27 19.27 -28.66
CA GLY A 475 -12.09 18.76 -27.98
C GLY A 475 -11.00 18.30 -28.92
N ALA A 476 -11.17 18.60 -30.21
CA ALA A 476 -10.17 18.20 -31.20
C ALA A 476 -8.93 19.08 -31.16
N ALA A 477 -7.78 18.45 -31.02
CA ALA A 477 -6.52 19.19 -30.98
C ALA A 477 -5.96 19.39 -32.38
N SER A 478 -5.38 20.56 -32.62
CA SER A 478 -4.79 20.85 -33.91
C SER A 478 -3.49 20.07 -34.06
N ASN A 479 -3.12 19.73 -35.29
CA ASN A 479 -1.91 18.96 -35.56
C ASN A 479 -0.69 19.51 -34.85
N PHE A 480 0.15 18.63 -34.32
CA PHE A 480 1.35 19.08 -33.66
C PHE A 480 2.45 18.04 -33.68
N THR A 481 3.67 18.52 -33.49
CA THR A 481 4.83 17.67 -33.47
C THR A 481 5.18 17.34 -32.04
N LEU A 482 5.38 16.06 -31.77
CA LEU A 482 5.79 15.58 -30.45
C LEU A 482 7.27 15.25 -30.55
N ALA A 483 8.10 16.13 -30.01
CA ALA A 483 9.54 15.97 -30.07
C ALA A 483 10.04 14.62 -29.62
N ALA A 484 11.22 14.26 -30.13
CA ALA A 484 11.84 13.02 -29.73
C ALA A 484 12.03 13.08 -28.22
N GLY A 485 11.58 12.04 -27.51
CA GLY A 485 11.69 12.02 -26.06
C GLY A 485 10.85 13.11 -25.38
N GLY A 486 9.89 13.65 -26.12
CA GLY A 486 9.03 14.71 -25.59
C GLY A 486 8.00 14.24 -24.57
N THR A 487 7.74 15.10 -23.59
CA THR A 487 6.76 14.84 -22.56
C THR A 487 6.07 16.14 -22.20
N ALA A 488 4.74 16.14 -22.33
CA ALA A 488 3.96 17.33 -22.04
C ALA A 488 2.73 17.03 -21.23
N VAL A 489 2.30 18.04 -20.46
CA VAL A 489 1.13 17.92 -19.60
C VAL A 489 0.18 19.10 -19.75
N TRP A 490 -1.06 18.83 -20.12
CA TRP A 490 -2.06 19.88 -20.28
C TRP A 490 -3.21 19.68 -19.31
N GLN A 491 -3.62 20.74 -18.61
CA GLN A 491 -4.71 20.57 -17.64
C GLN A 491 -5.69 21.71 -17.53
N TYR A 492 -6.84 21.36 -16.95
CA TYR A 492 -7.97 22.26 -16.75
C TYR A 492 -8.77 21.92 -15.49
N THR A 493 -9.11 22.96 -14.71
CA THR A 493 -9.90 22.80 -13.50
C THR A 493 -11.09 23.74 -13.52
N ALA A 494 -12.17 23.36 -12.86
CA ALA A 494 -13.34 24.21 -12.82
C ALA A 494 -14.31 23.67 -11.79
N ALA A 495 -15.26 24.49 -11.35
CA ALA A 495 -16.21 24.04 -10.36
C ALA A 495 -17.05 22.88 -10.87
N THR A 496 -17.30 21.92 -9.97
CA THR A 496 -18.12 20.76 -10.31
C THR A 496 -19.50 20.99 -9.73
N ALA A 497 -20.51 20.92 -10.59
CA ALA A 497 -21.88 21.18 -10.18
C ALA A 497 -22.51 20.08 -9.35
N THR A 498 -22.43 18.86 -9.85
CA THR A 498 -23.01 17.71 -9.19
C THR A 498 -22.07 16.99 -8.25
N PRO A 499 -22.63 16.44 -7.18
CA PRO A 499 -21.85 15.70 -6.21
C PRO A 499 -21.13 14.55 -6.87
N THR A 500 -19.82 14.51 -6.66
CA THR A 500 -18.98 13.48 -7.24
C THR A 500 -18.05 12.90 -6.21
N ILE A 501 -18.14 11.58 -6.02
CA ILE A 501 -17.30 10.88 -5.07
C ILE A 501 -16.01 10.44 -5.73
N GLY A 502 -14.89 10.87 -5.17
CA GLY A 502 -13.59 10.53 -5.72
C GLY A 502 -12.87 9.50 -4.85
N HIS A 503 -13.23 9.45 -3.58
CA HIS A 503 -12.58 8.49 -2.69
C HIS A 503 -13.31 8.27 -1.38
N VAL A 504 -13.11 7.07 -0.82
CA VAL A 504 -13.71 6.70 0.45
C VAL A 504 -12.71 5.90 1.28
N GLY A 505 -12.59 6.24 2.57
CA GLY A 505 -11.67 5.51 3.43
C GLY A 505 -12.01 5.68 4.91
N PRO A 506 -11.83 4.61 5.69
CA PRO A 506 -11.38 3.31 5.24
C PRO A 506 -12.48 2.61 4.45
N MET A 507 -12.20 1.42 3.93
CA MET A 507 -13.19 0.67 3.16
C MET A 507 -13.76 -0.55 3.88
N MET A 508 -13.38 -0.71 5.14
CA MET A 508 -13.83 -1.84 5.94
C MET A 508 -13.85 -1.53 7.42
N ALA A 509 -15.04 -1.54 8.02
CA ALA A 509 -15.18 -1.25 9.44
C ALA A 509 -16.55 -1.65 9.97
N LYS A 510 -16.69 -1.60 11.30
CA LYS A 510 -17.92 -1.93 11.99
C LYS A 510 -18.75 -0.67 12.20
N PRO A 511 -20.05 -0.85 12.44
CA PRO A 511 -20.94 0.27 12.68
C PRO A 511 -20.48 1.21 13.78
N GLY A 512 -20.71 2.50 13.57
CA GLY A 512 -20.31 3.48 14.56
C GLY A 512 -18.98 4.14 14.22
N VAL A 513 -18.17 3.46 13.43
CA VAL A 513 -16.89 4.01 13.02
C VAL A 513 -17.10 5.15 12.03
N THR A 514 -16.22 6.14 12.05
CA THR A 514 -16.36 7.26 11.14
C THR A 514 -15.53 7.10 9.88
N ILE A 515 -16.19 7.21 8.72
CA ILE A 515 -15.52 7.10 7.44
C ILE A 515 -15.40 8.45 6.75
N THR A 516 -14.45 8.57 5.83
CA THR A 516 -14.22 9.80 5.10
C THR A 516 -14.52 9.65 3.61
N ILE A 517 -15.40 10.53 3.13
CA ILE A 517 -15.82 10.56 1.73
C ILE A 517 -15.36 11.85 1.08
N ASP A 518 -14.43 11.72 0.13
CA ASP A 518 -13.85 12.86 -0.58
C ASP A 518 -14.23 12.94 -2.05
N GLY A 519 -14.33 14.16 -2.56
CA GLY A 519 -14.67 14.41 -3.94
C GLY A 519 -14.94 15.89 -4.21
N ARG A 520 -15.96 16.17 -4.99
CA ARG A 520 -16.31 17.55 -5.30
C ARG A 520 -17.82 17.70 -5.53
N GLY A 521 -18.32 18.93 -5.33
CA GLY A 521 -19.72 19.27 -5.52
C GLY A 521 -20.69 18.73 -4.48
N PHE A 522 -20.21 18.54 -3.26
CA PHE A 522 -21.04 18.02 -2.19
C PHE A 522 -21.94 19.12 -1.64
N GLY A 523 -21.47 20.36 -1.76
CA GLY A 523 -22.20 21.51 -1.27
C GLY A 523 -21.79 21.80 0.17
N SER A 524 -22.32 22.88 0.75
CA SER A 524 -21.96 23.23 2.12
C SER A 524 -22.93 22.74 3.18
N SER A 525 -24.18 22.48 2.81
CA SER A 525 -25.19 22.00 3.73
C SER A 525 -25.24 20.50 3.78
N LYS A 526 -25.48 19.95 4.97
CA LYS A 526 -25.56 18.53 5.14
C LYS A 526 -26.57 17.94 4.17
N GLY A 527 -26.17 16.86 3.52
CA GLY A 527 -27.05 16.19 2.59
C GLY A 527 -27.44 14.83 3.16
N THR A 528 -27.35 13.81 2.33
CA THR A 528 -27.67 12.46 2.74
C THR A 528 -26.60 11.48 2.28
N VAL A 529 -26.33 10.49 3.13
CA VAL A 529 -25.36 9.46 2.82
C VAL A 529 -26.06 8.11 2.73
N TYR A 530 -25.78 7.36 1.66
CA TYR A 530 -26.39 6.05 1.49
C TYR A 530 -25.39 4.91 1.53
N PHE A 531 -25.73 3.90 2.33
CA PHE A 531 -24.99 2.66 2.44
C PHE A 531 -25.94 1.65 1.83
N GLY A 532 -25.78 1.39 0.54
CA GLY A 532 -26.73 0.52 -0.10
C GLY A 532 -28.01 1.33 -0.20
N THR A 533 -29.14 0.75 0.22
CA THR A 533 -30.41 1.46 0.19
C THR A 533 -30.64 2.28 1.47
N THR A 534 -29.85 1.99 2.51
CA THR A 534 -29.98 2.68 3.79
C THR A 534 -29.56 4.12 3.74
N ALA A 535 -30.42 5.00 4.26
CA ALA A 535 -30.10 6.42 4.28
C ALA A 535 -29.68 6.92 5.64
N VAL A 536 -28.62 7.72 5.65
CA VAL A 536 -28.06 8.34 6.84
C VAL A 536 -28.08 9.84 6.64
N SER A 537 -28.56 10.56 7.64
CA SER A 537 -28.62 12.01 7.59
C SER A 537 -28.61 12.55 9.01
N GLY A 538 -28.47 13.86 9.15
CA GLY A 538 -28.48 14.45 10.47
C GLY A 538 -27.24 14.22 11.30
N ALA A 539 -27.49 13.97 12.58
CA ALA A 539 -26.46 13.79 13.59
C ALA A 539 -25.30 12.86 13.21
N ASP A 540 -25.63 11.69 12.68
CA ASP A 540 -24.59 10.74 12.32
C ASP A 540 -23.58 11.28 11.33
N ILE A 541 -23.98 12.34 10.61
CA ILE A 541 -23.09 12.97 9.66
C ILE A 541 -22.35 14.04 10.45
N THR A 542 -21.16 13.70 10.92
CA THR A 542 -20.35 14.58 11.74
C THR A 542 -20.00 15.91 11.13
N SER A 543 -19.59 15.89 9.87
CA SER A 543 -19.23 17.11 9.19
C SER A 543 -19.49 16.97 7.70
N TRP A 544 -19.78 18.10 7.07
CA TRP A 544 -20.07 18.10 5.65
C TRP A 544 -19.63 19.39 5.00
N GLU A 545 -18.78 19.25 3.99
CA GLU A 545 -18.27 20.38 3.23
C GLU A 545 -18.19 19.97 1.77
N ASP A 546 -17.89 20.91 0.88
CA ASP A 546 -17.84 20.61 -0.54
C ASP A 546 -16.97 19.45 -1.00
N THR A 547 -15.77 19.32 -0.42
CA THR A 547 -14.87 18.27 -0.83
C THR A 547 -14.77 17.10 0.12
N GLN A 548 -15.42 17.18 1.28
CA GLN A 548 -15.29 16.10 2.22
C GLN A 548 -16.44 15.95 3.21
N ILE A 549 -16.79 14.69 3.46
CA ILE A 549 -17.84 14.31 4.36
C ILE A 549 -17.33 13.30 5.38
N LYS A 550 -17.72 13.51 6.63
CA LYS A 550 -17.37 12.61 7.71
C LYS A 550 -18.66 12.04 8.27
N VAL A 551 -18.81 10.72 8.20
CA VAL A 551 -20.04 10.11 8.65
C VAL A 551 -19.83 8.77 9.35
N LYS A 552 -20.71 8.54 10.32
CA LYS A 552 -20.70 7.31 11.10
C LYS A 552 -21.44 6.20 10.36
N ILE A 553 -20.81 5.03 10.31
CA ILE A 553 -21.41 3.88 9.66
C ILE A 553 -22.66 3.44 10.42
N PRO A 554 -23.75 3.23 9.69
CA PRO A 554 -25.00 2.80 10.28
C PRO A 554 -24.95 1.37 10.80
N ALA A 555 -25.85 1.07 11.72
CA ALA A 555 -25.93 -0.27 12.30
C ALA A 555 -26.67 -1.24 11.39
N VAL A 556 -26.16 -1.43 10.19
CA VAL A 556 -26.76 -2.37 9.24
C VAL A 556 -26.09 -3.71 9.42
N ALA A 557 -26.71 -4.77 8.90
CA ALA A 557 -26.15 -6.11 9.00
C ALA A 557 -24.78 -6.15 8.33
N GLY A 558 -23.89 -7.03 8.79
CA GLY A 558 -22.59 -7.12 8.17
C GLY A 558 -22.74 -7.42 6.69
N GLY A 559 -21.91 -6.82 5.84
CA GLY A 559 -22.00 -7.07 4.42
C GLY A 559 -21.31 -6.02 3.56
N ASN A 560 -21.44 -6.19 2.25
CA ASN A 560 -20.85 -5.28 1.29
C ASN A 560 -21.89 -4.27 0.80
N TYR A 561 -21.55 -3.00 0.87
CA TYR A 561 -22.46 -1.94 0.47
C TYR A 561 -21.81 -0.91 -0.43
N ASN A 562 -22.60 -0.41 -1.37
CA ASN A 562 -22.15 0.62 -2.27
C ASN A 562 -22.50 1.96 -1.66
N ILE A 563 -21.55 2.89 -1.70
CA ILE A 563 -21.73 4.21 -1.14
C ILE A 563 -22.11 5.24 -2.19
N LYS A 564 -23.03 6.10 -1.78
CA LYS A 564 -23.53 7.18 -2.61
C LYS A 564 -23.92 8.32 -1.70
N VAL A 565 -23.93 9.53 -2.24
CA VAL A 565 -24.34 10.69 -1.47
C VAL A 565 -25.28 11.55 -2.29
N ALA A 566 -26.05 12.39 -1.59
CA ALA A 566 -26.97 13.31 -2.23
C ALA A 566 -26.82 14.68 -1.59
N ASN A 567 -26.84 15.74 -2.38
CA ASN A 567 -26.71 17.06 -1.77
C ASN A 567 -27.98 17.43 -1.02
N ALA A 568 -27.97 18.57 -0.36
CA ALA A 568 -29.14 19.00 0.40
C ALA A 568 -30.37 19.15 -0.47
N ALA A 569 -30.14 19.36 -1.76
CA ALA A 569 -31.24 19.51 -2.70
C ALA A 569 -31.76 18.17 -3.18
N GLY A 570 -31.07 17.08 -2.84
CA GLY A 570 -31.51 15.77 -3.24
C GLY A 570 -30.84 15.21 -4.50
N THR A 571 -29.80 15.89 -4.99
CA THR A 571 -29.12 15.39 -6.19
C THR A 571 -28.13 14.30 -5.83
N ALA A 572 -28.29 13.14 -6.46
CA ALA A 572 -27.43 12.00 -6.22
C ALA A 572 -26.09 12.10 -6.91
N SER A 573 -25.12 11.38 -6.35
CA SER A 573 -23.78 11.33 -6.89
C SER A 573 -23.55 9.99 -7.54
N ASN A 574 -22.33 9.76 -8.02
CA ASN A 574 -21.97 8.48 -8.60
C ASN A 574 -21.83 7.50 -7.44
N VAL A 575 -21.82 6.21 -7.75
CA VAL A 575 -21.71 5.18 -6.74
C VAL A 575 -20.29 4.68 -6.58
N TYR A 576 -19.84 4.59 -5.33
CA TYR A 576 -18.52 4.10 -4.97
C TYR A 576 -18.73 2.76 -4.29
N ASP A 577 -18.44 1.69 -5.02
CA ASP A 577 -18.67 0.33 -4.57
C ASP A 577 -17.68 -0.25 -3.58
N ASN A 578 -18.06 -1.46 -3.17
CA ASN A 578 -17.25 -2.31 -2.33
C ASN A 578 -17.03 -1.93 -0.87
N PHE A 579 -17.93 -1.18 -0.24
CA PHE A 579 -17.68 -0.87 1.16
C PHE A 579 -18.03 -2.06 2.03
N GLU A 580 -17.18 -2.42 2.98
CA GLU A 580 -17.47 -3.56 3.82
C GLU A 580 -17.82 -3.22 5.27
N VAL A 581 -19.07 -3.49 5.63
CA VAL A 581 -19.53 -3.28 6.99
C VAL A 581 -19.28 -4.57 7.76
N LEU A 582 -18.42 -4.53 8.77
CA LEU A 582 -18.13 -5.72 9.56
C LEU A 582 -19.27 -6.00 10.52
N SER A 583 -19.31 -7.23 11.05
CA SER A 583 -20.35 -7.65 12.00
C SER A 583 -20.05 -7.20 13.43
N GLY A 584 -18.85 -6.66 13.62
CA GLY A 584 -18.39 -6.18 14.91
C GLY A 584 -16.87 -6.30 15.00
N ASP A 585 -16.34 -6.19 16.22
CA ASP A 585 -14.91 -6.32 16.43
C ASP A 585 -14.50 -7.68 15.88
N GLN A 586 -13.26 -7.80 15.38
CA GLN A 586 -12.81 -9.03 14.79
C GLN A 586 -11.73 -9.79 15.56
N VAL A 587 -11.79 -11.11 15.43
CA VAL A 587 -10.80 -12.02 16.01
C VAL A 587 -10.35 -12.96 14.90
N SER A 588 -9.10 -13.42 14.98
CA SER A 588 -8.55 -14.32 13.98
C SER A 588 -8.66 -15.77 14.45
N VAL A 589 -9.47 -16.57 13.74
CA VAL A 589 -9.68 -17.96 14.10
C VAL A 589 -9.21 -18.94 13.03
N ARG A 590 -8.52 -19.97 13.49
CA ARG A 590 -8.02 -21.03 12.62
C ARG A 590 -9.05 -22.15 12.55
N PHE A 591 -9.43 -22.49 11.32
CA PHE A 591 -10.39 -23.54 11.06
C PHE A 591 -9.66 -24.74 10.49
N VAL A 592 -9.90 -25.90 11.11
CA VAL A 592 -9.29 -27.14 10.69
C VAL A 592 -10.33 -28.22 10.43
N VAL A 593 -10.36 -28.70 9.20
CA VAL A 593 -11.29 -29.76 8.82
C VAL A 593 -10.52 -31.04 8.53
N ASN A 594 -10.92 -32.13 9.17
CA ASN A 594 -10.25 -33.39 8.96
C ASN A 594 -10.96 -34.32 7.99
N ASN A 595 -10.12 -35.13 7.34
CA ASN A 595 -10.57 -36.13 6.41
C ASN A 595 -11.50 -35.62 5.33
N ALA A 596 -11.00 -34.65 4.57
CA ALA A 596 -11.74 -34.07 3.47
C ALA A 596 -10.98 -34.41 2.19
N THR A 597 -11.35 -35.54 1.60
CA THR A 597 -10.72 -36.00 0.39
C THR A 597 -11.24 -35.27 -0.85
N THR A 598 -10.34 -35.08 -1.80
CA THR A 598 -10.70 -34.38 -3.02
C THR A 598 -9.97 -34.95 -4.23
N ALA A 599 -10.42 -34.54 -5.41
CA ALA A 599 -9.79 -34.94 -6.65
C ALA A 599 -8.85 -33.83 -7.04
N LEU A 600 -7.84 -34.14 -7.84
CA LEU A 600 -6.90 -33.13 -8.26
C LEU A 600 -7.60 -31.95 -8.92
N GLY A 601 -7.32 -30.74 -8.40
CA GLY A 601 -7.93 -29.54 -8.93
C GLY A 601 -9.14 -29.08 -8.12
N GLN A 602 -9.61 -29.96 -7.25
CA GLN A 602 -10.75 -29.70 -6.38
C GLN A 602 -10.22 -29.30 -5.00
N ASN A 603 -10.76 -28.23 -4.44
CA ASN A 603 -10.30 -27.73 -3.15
C ASN A 603 -11.42 -27.56 -2.13
N VAL A 604 -11.00 -27.43 -0.87
CA VAL A 604 -11.91 -27.25 0.24
C VAL A 604 -12.06 -25.78 0.63
N TYR A 605 -13.30 -25.38 0.91
CA TYR A 605 -13.61 -24.02 1.30
C TYR A 605 -14.49 -24.00 2.54
N LEU A 606 -14.58 -22.83 3.18
CA LEU A 606 -15.37 -22.61 4.38
C LEU A 606 -16.51 -21.62 4.16
N THR A 607 -17.72 -21.97 4.63
CA THR A 607 -18.92 -21.14 4.54
C THR A 607 -19.64 -21.07 5.88
N GLY A 608 -20.41 -20.01 6.12
CA GLY A 608 -21.10 -19.89 7.41
C GLY A 608 -22.13 -18.78 7.53
N SER A 609 -22.75 -18.76 8.72
CA SER A 609 -23.82 -17.87 9.14
C SER A 609 -23.53 -16.39 9.37
N VAL A 610 -22.36 -15.90 8.96
CA VAL A 610 -22.04 -14.50 9.13
C VAL A 610 -21.41 -13.94 7.86
N SER A 611 -21.49 -12.63 7.72
CA SER A 611 -20.92 -11.97 6.55
C SER A 611 -19.46 -12.37 6.34
N GLU A 612 -18.72 -12.42 7.43
CA GLU A 612 -17.31 -12.77 7.41
C GLU A 612 -17.03 -14.14 6.80
N LEU A 613 -18.06 -14.98 6.77
CA LEU A 613 -17.98 -16.32 6.20
C LEU A 613 -18.78 -16.44 4.90
N GLY A 614 -19.23 -15.30 4.38
CA GLY A 614 -19.98 -15.28 3.13
C GLY A 614 -21.47 -15.54 3.24
N ASN A 615 -21.99 -15.65 4.46
CA ASN A 615 -23.41 -15.87 4.67
C ASN A 615 -24.02 -16.98 3.82
N TRP A 616 -23.37 -18.14 3.82
CA TRP A 616 -23.82 -19.31 3.10
C TRP A 616 -23.74 -19.25 1.57
N ASP A 617 -23.18 -18.17 1.04
CA ASP A 617 -23.06 -18.09 -0.41
C ASP A 617 -21.73 -18.66 -0.87
N PRO A 618 -21.78 -19.81 -1.52
CA PRO A 618 -20.58 -20.48 -2.01
C PRO A 618 -19.64 -19.59 -2.80
N ALA A 619 -20.21 -18.66 -3.56
CA ALA A 619 -19.39 -17.75 -4.35
C ALA A 619 -18.50 -16.91 -3.44
N LYS A 620 -18.94 -16.74 -2.22
CA LYS A 620 -18.20 -15.94 -1.24
C LYS A 620 -17.53 -16.77 -0.17
N ALA A 621 -17.39 -18.07 -0.43
CA ALA A 621 -16.75 -18.97 0.51
C ALA A 621 -15.29 -18.62 0.72
N ILE A 622 -14.77 -18.95 1.90
CA ILE A 622 -13.39 -18.68 2.23
C ILE A 622 -12.46 -19.79 1.76
N GLY A 623 -11.39 -19.41 1.07
CA GLY A 623 -10.45 -20.39 0.57
C GLY A 623 -9.92 -20.03 -0.82
N PRO A 624 -9.32 -21.00 -1.52
CA PRO A 624 -9.15 -22.38 -1.09
C PRO A 624 -8.32 -22.55 0.17
N MET A 625 -8.65 -23.58 0.94
CA MET A 625 -7.94 -23.87 2.17
C MET A 625 -6.56 -24.49 1.89
N TYR A 626 -5.71 -24.50 2.93
CA TYR A 626 -4.37 -25.04 2.81
C TYR A 626 -4.28 -26.50 3.27
N ASN A 627 -3.30 -27.25 2.75
CA ASN A 627 -3.16 -28.65 3.15
C ASN A 627 -1.74 -29.22 3.07
N GLN A 628 -0.71 -28.39 3.23
CA GLN A 628 0.65 -28.91 3.17
C GLN A 628 1.53 -28.67 4.39
N VAL A 629 1.69 -27.41 4.78
CA VAL A 629 2.56 -27.00 5.88
C VAL A 629 2.11 -27.26 7.31
N VAL A 630 1.18 -26.46 7.82
CA VAL A 630 0.75 -26.66 9.19
C VAL A 630 0.11 -28.01 9.40
N TYR A 631 -0.82 -28.32 8.50
CA TYR A 631 -1.54 -29.58 8.49
C TYR A 631 -1.36 -30.20 7.13
N GLN A 632 -1.51 -31.53 7.06
CA GLN A 632 -1.34 -32.25 5.82
C GLN A 632 -2.62 -32.87 5.32
N TYR A 633 -2.80 -32.81 4.00
CA TYR A 633 -3.95 -33.40 3.34
C TYR A 633 -4.06 -34.84 3.80
N PRO A 634 -5.25 -35.42 4.01
CA PRO A 634 -6.58 -34.88 3.76
C PRO A 634 -7.12 -33.91 4.80
N ASN A 635 -6.25 -33.35 5.63
CA ASN A 635 -6.69 -32.38 6.62
C ASN A 635 -6.40 -31.01 6.03
N TRP A 636 -7.35 -30.08 6.15
CA TRP A 636 -7.16 -28.74 5.61
C TRP A 636 -7.33 -27.66 6.67
N TYR A 637 -6.66 -26.55 6.47
CA TYR A 637 -6.74 -25.46 7.43
C TYR A 637 -6.67 -24.11 6.75
N TYR A 638 -7.17 -23.10 7.47
CA TYR A 638 -7.20 -21.72 7.01
C TYR A 638 -7.49 -20.77 8.16
N ASP A 639 -6.84 -19.60 8.14
CA ASP A 639 -7.02 -18.60 9.18
C ASP A 639 -8.01 -17.53 8.73
N VAL A 640 -9.00 -17.27 9.59
CA VAL A 640 -10.08 -16.36 9.24
C VAL A 640 -10.46 -15.32 10.28
N SER A 641 -10.77 -14.13 9.76
CA SER A 641 -11.24 -13.03 10.58
C SER A 641 -12.75 -13.15 10.78
N VAL A 642 -13.18 -13.28 12.04
CA VAL A 642 -14.59 -13.40 12.38
C VAL A 642 -14.97 -12.45 13.50
N PRO A 643 -16.27 -12.24 13.69
CA PRO A 643 -16.76 -11.35 14.73
C PRO A 643 -16.58 -11.90 16.13
N ALA A 644 -15.93 -11.12 16.98
CA ALA A 644 -15.66 -11.48 18.36
C ALA A 644 -16.92 -11.82 19.16
N GLY A 645 -16.81 -12.86 19.99
CA GLY A 645 -17.87 -13.32 20.87
C GLY A 645 -19.18 -13.74 20.22
N LYS A 646 -19.21 -13.93 18.91
CA LYS A 646 -20.45 -14.35 18.28
C LYS A 646 -20.55 -15.85 18.08
N THR A 647 -21.78 -16.36 18.16
CA THR A 647 -22.03 -17.78 17.95
C THR A 647 -22.26 -17.98 16.46
N ILE A 648 -21.40 -18.77 15.84
CA ILE A 648 -21.45 -18.96 14.41
C ILE A 648 -21.66 -20.41 13.96
N GLU A 649 -22.48 -20.55 12.93
CA GLU A 649 -22.75 -21.83 12.31
C GLU A 649 -21.94 -21.89 11.02
N PHE A 650 -21.36 -23.05 10.74
CA PHE A 650 -20.55 -23.16 9.54
C PHE A 650 -20.47 -24.58 8.99
N LYS A 651 -20.08 -24.63 7.73
CA LYS A 651 -19.91 -25.88 7.00
C LYS A 651 -18.75 -25.72 6.04
N PHE A 652 -18.26 -26.85 5.55
CA PHE A 652 -17.17 -26.86 4.59
C PHE A 652 -17.68 -27.27 3.23
N LEU A 653 -16.95 -26.89 2.19
CA LEU A 653 -17.34 -27.24 0.83
C LEU A 653 -16.15 -27.71 0.05
N LYS A 654 -16.45 -28.44 -1.02
CA LYS A 654 -15.46 -28.92 -1.96
C LYS A 654 -15.84 -28.32 -3.29
N LYS A 655 -14.93 -27.57 -3.90
CA LYS A 655 -15.25 -26.94 -5.17
C LYS A 655 -14.20 -27.12 -6.25
N GLN A 656 -14.71 -27.23 -7.47
CA GLN A 656 -13.97 -27.33 -8.71
C GLN A 656 -14.55 -26.17 -9.50
N GLY A 657 -13.79 -25.09 -9.63
CA GLY A 657 -14.36 -23.93 -10.30
C GLY A 657 -15.52 -23.48 -9.44
N SER A 658 -16.67 -23.21 -10.04
CA SER A 658 -17.84 -22.79 -9.27
C SER A 658 -18.75 -23.96 -8.92
N THR A 659 -18.33 -25.17 -9.28
CA THR A 659 -19.10 -26.36 -8.96
C THR A 659 -18.91 -26.67 -7.49
N VAL A 660 -20.00 -26.87 -6.74
CA VAL A 660 -19.87 -27.09 -5.32
C VAL A 660 -20.51 -28.33 -4.74
N THR A 661 -19.78 -28.93 -3.81
CA THR A 661 -20.20 -30.11 -3.08
C THR A 661 -20.28 -29.73 -1.61
N TRP A 662 -21.48 -29.80 -1.04
CA TRP A 662 -21.69 -29.45 0.36
C TRP A 662 -21.39 -30.56 1.33
N GLU A 663 -20.86 -30.18 2.48
CA GLU A 663 -20.60 -31.12 3.55
C GLU A 663 -21.98 -31.60 4.00
N GLY A 664 -22.09 -32.88 4.36
CA GLY A 664 -23.37 -33.41 4.81
C GLY A 664 -23.70 -33.05 6.25
N GLY A 665 -24.72 -33.72 6.77
CA GLY A 665 -25.18 -33.55 8.14
C GLY A 665 -25.59 -32.14 8.51
N SER A 666 -25.49 -31.86 9.81
CA SER A 666 -25.86 -30.58 10.38
C SER A 666 -24.69 -29.63 10.41
N ASN A 667 -25.00 -28.36 10.56
CA ASN A 667 -23.98 -27.35 10.60
C ASN A 667 -23.15 -27.48 11.86
N HIS A 668 -21.90 -27.06 11.76
CA HIS A 668 -21.03 -27.05 12.91
C HIS A 668 -21.37 -25.75 13.64
N THR A 669 -21.03 -25.66 14.92
CA THR A 669 -21.33 -24.46 15.66
C THR A 669 -20.20 -24.16 16.63
N PHE A 670 -19.95 -22.87 16.82
CA PHE A 670 -18.93 -22.43 17.75
C PHE A 670 -19.16 -20.99 18.17
N THR A 671 -18.50 -20.59 19.25
CA THR A 671 -18.61 -19.22 19.70
C THR A 671 -17.22 -18.61 19.65
N ALA A 672 -17.10 -17.52 18.90
CA ALA A 672 -15.81 -16.85 18.74
C ALA A 672 -15.31 -16.22 20.03
N PRO A 673 -14.00 -16.30 20.25
CA PRO A 673 -13.39 -15.71 21.43
C PRO A 673 -13.67 -14.22 21.48
N SER A 674 -13.65 -13.65 22.68
CA SER A 674 -13.91 -12.23 22.86
C SER A 674 -12.69 -11.39 22.48
N SER A 675 -11.53 -12.02 22.57
CA SER A 675 -10.27 -11.43 22.22
C SER A 675 -9.24 -12.53 22.04
N GLY A 676 -8.11 -12.22 21.40
CA GLY A 676 -7.10 -13.24 21.16
C GLY A 676 -7.56 -14.18 20.06
N THR A 677 -6.88 -15.33 19.95
CA THR A 677 -7.18 -16.32 18.93
C THR A 677 -7.86 -17.58 19.45
N ALA A 678 -8.12 -18.48 18.50
CA ALA A 678 -8.74 -19.77 18.75
C ALA A 678 -8.56 -20.68 17.54
N THR A 679 -8.69 -21.97 17.78
CA THR A 679 -8.59 -22.97 16.73
C THR A 679 -9.78 -23.92 16.81
N ILE A 680 -10.54 -24.02 15.72
CA ILE A 680 -11.70 -24.89 15.66
C ILE A 680 -11.36 -26.10 14.80
N ASN A 681 -11.48 -27.29 15.38
CA ASN A 681 -11.14 -28.51 14.67
C ASN A 681 -12.30 -29.50 14.60
N VAL A 682 -12.70 -29.86 13.37
CA VAL A 682 -13.80 -30.79 13.15
C VAL A 682 -13.50 -31.76 12.01
N ASN A 683 -14.37 -32.77 11.89
CA ASN A 683 -14.26 -33.78 10.85
C ASN A 683 -15.27 -33.49 9.77
N TRP A 684 -14.87 -33.69 8.52
CA TRP A 684 -15.78 -33.47 7.42
C TRP A 684 -16.94 -34.44 7.53
N GLN A 685 -18.17 -33.95 7.42
CA GLN A 685 -19.32 -34.82 7.50
C GLN A 685 -19.76 -35.23 6.11
N PRO A 686 -19.78 -36.53 5.84
CA PRO A 686 -20.18 -37.04 4.55
C PRO A 686 -21.68 -36.91 4.33
C1 GLC B . -3.18 7.47 -35.31
C2 GLC B . -2.93 6.94 -33.93
C3 GLC B . -4.24 6.59 -33.23
C4 GLC B . -5.19 7.77 -33.29
C5 GLC B . -5.39 8.23 -34.73
C6 GLC B . -6.19 9.52 -34.80
O1 GLC B . -3.59 6.47 -36.18
O2 GLC B . -2.06 5.81 -33.98
O3 GLC B . -3.96 6.22 -31.89
O4 GLC B . -6.45 7.37 -32.74
O5 GLC B . -4.10 8.55 -35.25
O6 GLC B . -6.42 9.85 -36.17
C1 GLC B . -6.90 7.99 -31.56
C2 GLC B . -7.42 6.92 -30.61
C3 GLC B . -8.66 6.30 -31.18
C4 GLC B . -9.71 7.36 -31.51
C5 GLC B . -9.11 8.43 -32.40
C6 GLC B . -10.07 9.59 -32.50
O2 GLC B . -6.42 5.91 -30.48
O3 GLC B . -9.28 5.41 -30.24
O4 GLC B . -10.78 6.79 -32.25
O5 GLC B . -7.90 8.96 -31.84
O6 GLC B . -9.73 10.46 -33.58
C1 GLC C . 11.03 -13.35 -6.31
C2 GLC C . 9.70 -13.54 -5.62
C3 GLC C . 9.42 -12.47 -4.59
C4 GLC C . 10.64 -12.27 -3.70
C5 GLC C . 11.89 -12.02 -4.53
C6 GLC C . 13.11 -11.85 -3.68
O1 GLC C . 10.94 -12.22 -7.13
O2 GLC C . 8.66 -13.55 -6.59
O3 GLC C . 8.31 -12.83 -3.77
O4 GLC C . 10.42 -11.20 -2.76
O5 GLC C . 12.08 -13.16 -5.37
O6 GLC C . 13.53 -13.10 -3.12
C1 GLC C . 10.46 -11.58 -1.40
C2 GLC C . 9.23 -11.10 -0.66
C3 GLC C . 9.34 -9.67 -0.16
C4 GLC C . 10.70 -9.43 0.49
C5 GLC C . 11.81 -9.84 -0.45
C6 GLC C . 13.15 -9.68 0.18
O2 GLC C . 8.06 -11.33 -1.44
O3 GLC C . 8.35 -9.43 0.84
O4 GLC C . 10.91 -8.09 0.75
O5 GLC C . 11.69 -11.22 -0.77
O6 GLC C . 14.17 -9.96 -0.79
C1 GLC C . 10.53 -7.49 2.04
C2 GLC C . 11.26 -6.16 2.23
C3 GLC C . 12.77 -6.39 2.10
C4 GLC C . 13.06 -7.12 3.36
C5 GLC C . 12.36 -8.50 3.38
C6 GLC C . 12.44 -9.14 4.77
O2 GLC C . 10.77 -5.13 1.29
O3 GLC C . 13.58 -5.16 2.14
O4 GLC C . 14.48 -7.33 3.39
O5 GLC C . 10.92 -8.38 3.02
O6 GLC C . 11.84 -8.33 5.74
C1 GLC C . 15.19 -7.11 4.60
C2 GLC C . 16.38 -6.25 4.26
C3 GLC C . 17.41 -7.03 3.47
C4 GLC C . 17.73 -8.33 4.17
C5 GLC C . 16.45 -9.12 4.39
C6 GLC C . 16.65 -10.46 5.03
O2 GLC C . 15.94 -5.13 3.51
O3 GLC C . 18.62 -6.28 3.34
O4 GLC C . 18.65 -9.11 3.37
O5 GLC C . 15.57 -8.34 5.20
O6 GLC C . 17.27 -10.34 6.31
C1 GLC C . 19.97 -9.21 3.84
C2 GLC C . 20.91 -9.57 2.71
C3 GLC C . 20.91 -11.05 2.41
C4 GLC C . 21.01 -11.92 3.64
C5 GLC C . 20.00 -11.48 4.69
C6 GLC C . 20.21 -12.20 5.99
O2 GLC C . 20.48 -8.87 1.54
O3 GLC C . 22.01 -11.40 1.57
O4 GLC C . 20.68 -13.23 3.17
O5 GLC C . 20.11 -10.08 4.96
O6 GLC C . 18.98 -12.42 6.69
C1 GLC C . 21.72 -14.16 2.99
C2 GLC C . 21.48 -14.99 1.74
C3 GLC C . 20.39 -16.01 1.93
C4 GLC C . 20.60 -16.81 3.21
C5 GLC C . 20.74 -15.86 4.39
C6 GLC C . 21.08 -16.63 5.64
O2 GLC C . 21.15 -14.12 0.66
O3 GLC C . 20.40 -16.97 0.87
O4 GLC C . 19.47 -17.66 3.38
O5 GLC C . 21.85 -14.99 4.15
O6 GLC C . 22.38 -17.21 5.53
C1 GLC C . 19.61 -19.03 3.06
C2 GLC C . 18.27 -19.62 2.70
C3 GLC C . 17.37 -19.74 3.90
C4 GLC C . 18.08 -20.44 5.04
C5 GLC C . 19.39 -19.71 5.34
C6 GLC C . 20.17 -20.41 6.41
O2 GLC C . 17.65 -18.84 1.68
O3 GLC C . 16.20 -20.50 3.56
O4 GLC C . 17.23 -20.48 6.19
O5 GLC C . 20.20 -19.71 4.16
O6 GLC C . 20.46 -21.75 6.01
C1 GLC C . 16.24 -21.49 6.23
C2 GLC C . 15.38 -21.34 7.46
C3 GLC C . 16.12 -21.73 8.72
C4 GLC C . 16.66 -23.14 8.55
C5 GLC C . 17.57 -23.18 7.33
C6 GLC C . 18.16 -24.54 7.08
O2 GLC C . 14.87 -20.01 7.58
O3 GLC C . 15.28 -21.71 9.87
O4 GLC C . 17.40 -23.48 9.74
O5 GLC C . 16.85 -22.77 6.16
O6 GLC C . 17.21 -25.42 6.46
C1 GLC C . 16.74 -24.24 10.72
C2 GLC C . 17.31 -23.95 12.08
C3 GLC C . 18.70 -24.51 12.22
C4 GLC C . 18.71 -25.99 11.89
C5 GLC C . 18.09 -26.23 10.53
C6 GLC C . 17.93 -27.70 10.25
O2 GLC C . 17.27 -22.57 12.35
O3 GLC C . 19.22 -24.36 13.55
O4 GLC C . 20.03 -26.52 11.83
O5 GLC C . 16.80 -25.63 10.41
O6 GLC C . 16.94 -28.28 11.09
C1 GLC D . -31.18 -32.15 -0.10
C2 GLC D . -29.78 -32.64 0.14
C3 GLC D . -29.03 -31.62 0.96
C4 GLC D . -29.08 -30.25 0.30
C5 GLC D . -30.50 -29.85 -0.09
C6 GLC D . -30.48 -28.66 -1.01
O1 GLC D . -31.76 -31.99 1.18
O2 GLC D . -29.84 -33.88 0.84
O3 GLC D . -27.65 -31.98 1.11
O4 GLC D . -28.57 -29.29 1.24
O5 GLC D . -31.15 -30.91 -0.79
O6 GLC D . -31.58 -27.79 -0.76
C1 GLC D . -27.32 -28.70 0.99
C2 GLC D . -26.47 -28.79 2.25
C3 GLC D . -26.88 -27.78 3.28
C4 GLC D . -26.94 -26.38 2.67
C5 GLC D . -27.84 -26.36 1.45
C6 GLC D . -27.75 -25.05 0.73
O2 GLC D . -26.53 -30.11 2.78
O3 GLC D . -25.95 -27.73 4.36
O4 GLC D . -27.49 -25.49 3.66
O5 GLC D . -27.45 -27.37 0.51
O6 GLC D . -28.65 -24.99 -0.39
C1 GLC D . -26.71 -24.40 4.09
C2 GLC D . -26.74 -24.35 5.60
C3 GLC D . -28.05 -23.80 6.12
C4 GLC D . -28.40 -22.48 5.45
C5 GLC D . -28.42 -22.69 3.94
C6 GLC D . -28.62 -21.40 3.19
O2 GLC D . -26.56 -25.66 6.10
O3 GLC D . -27.99 -23.59 7.52
O4 GLC D . -29.70 -22.09 5.91
O5 GLC D . -27.15 -23.19 3.49
O6 GLC D . -28.62 -21.65 1.79
C1 GLC D . -29.82 -20.95 6.75
C2 GLC D . -30.67 -21.26 7.97
C3 GLC D . -32.09 -21.57 7.56
C4 GLC D . -32.68 -20.43 6.76
C5 GLC D . -31.76 -20.00 5.63
C6 GLC D . -32.18 -18.66 5.11
O2 GLC D . -30.09 -22.34 8.70
O3 GLC D . -32.92 -21.72 8.72
O4 GLC D . -33.90 -20.80 6.14
O5 GLC D . -30.39 -19.86 6.04
O6 GLC D . -32.39 -18.71 3.69
C1 GLC E . -1.17 -38.19 -7.26
C2 GLC E . -2.66 -38.41 -7.29
C3 GLC E . -3.41 -37.31 -6.58
C4 GLC E . -2.84 -37.01 -5.21
C5 GLC E . -1.33 -36.82 -5.29
C6 GLC E . -0.72 -36.73 -3.91
O1 GLC E . -0.89 -37.09 -8.10
O2 GLC E . -3.08 -38.51 -8.65
O3 GLC E . -4.78 -37.68 -6.39
O4 GLC E . -3.43 -35.77 -4.78
O5 GLC E . -0.73 -37.94 -5.93
O6 GLC E . -1.64 -37.20 -2.92
C1 GLC E . -4.07 -35.69 -3.52
C2 GLC E . -5.49 -35.25 -3.75
C3 GLC E . -5.51 -33.88 -4.38
C4 GLC E . -4.73 -32.90 -3.52
C5 GLC E . -3.33 -33.43 -3.26
C6 GLC E . -2.60 -32.56 -2.27
O2 GLC E . -6.16 -36.18 -4.60
O3 GLC E . -6.85 -33.38 -4.51
O4 GLC E . -4.65 -31.65 -4.22
O5 GLC E . -3.40 -34.74 -2.70
O6 GLC E . -1.29 -33.08 -2.03
C1 GLC E . -5.38 -30.56 -3.70
C2 GLC E . -6.13 -29.89 -4.82
C3 GLC E . -5.18 -29.23 -5.78
C4 GLC E . -4.28 -28.27 -5.04
C5 GLC E . -3.56 -28.99 -3.92
C6 GLC E . -2.76 -28.06 -3.06
O2 GLC E . -6.97 -30.82 -5.49
O3 GLC E . -5.90 -28.52 -6.78
O4 GLC E . -3.30 -27.70 -5.95
O5 GLC E . -4.49 -29.65 -3.06
O6 GLC E . -1.95 -28.79 -2.13
C1 GLC E . -3.24 -26.31 -6.10
C2 GLC E . -3.52 -25.95 -7.54
C3 GLC E . -2.53 -26.65 -8.42
C4 GLC E . -1.10 -26.30 -8.05
C5 GLC E . -0.84 -26.16 -6.56
C6 GLC E . 0.20 -25.11 -6.32
O2 GLC E . -4.86 -26.30 -7.89
O3 GLC E . -2.70 -26.28 -9.79
O4 GLC E . -0.20 -27.30 -8.51
O5 GLC E . -1.96 -25.78 -5.76
O6 GLC E . 1.24 -25.16 -7.30
CA CA F . 22.73 9.69 13.81
CA CA G . 5.05 -15.74 7.52
#